data_6UE2
#
_entry.id   6UE2
#
_cell.length_a   84.983
_cell.length_b   93.200
_cell.length_c   137.583
_cell.angle_alpha   90.000
_cell.angle_beta   90.000
_cell.angle_gamma   90.000
#
_symmetry.space_group_name_H-M   'P 21 21 21'
#
loop_
_entity.id
_entity.type
_entity.pdbx_description
1 polymer Beta-lactamase
2 non-polymer 'TRIETHYLENE GLYCOL'
3 non-polymer DI(HYDROXYETHYL)ETHER
4 non-polymer 'PROPANOIC ACID'
5 non-polymer GLYCEROL
6 water water
#
_entity_poly.entity_id   1
_entity_poly.type   'polypeptide(L)'
_entity_poly.pdbx_seq_one_letter_code
;(MSE)VDYSDCFEGISGGAIFYNTKNKEYNIYNKELIETRRSPCSTF(KCX)IVSTLIGLEKGVINSKESV(MSE)GYDG
TEYPNKNWNKNLSLEEAFKESCVWYYKKLIDKVDAKSVQNILDDLKYGNCDISEWEGDLKNGKGHLNGFWLESSLQISPK
EQVQT(MSE)AKIFEGDTNFKKEHINILRDI(MSE)KIDVNDKNINVYGKTGTGFDEKNKRVDAWFVG(MSE)LEREGDT
YYFAIKSDDSNKEITGPKVKEIAINIIKKYYSVREGAAL
;
_entity_poly.pdbx_strand_id   A,B,C,D
#
# COMPACT_ATOMS: atom_id res chain seq x y z
N VAL A 2 3.24 -21.26 -22.29
CA VAL A 2 2.44 -22.26 -22.97
C VAL A 2 1.71 -21.60 -24.14
N ASP A 3 1.01 -22.40 -24.96
CA ASP A 3 0.26 -21.80 -26.08
C ASP A 3 -1.14 -22.42 -26.17
N TYR A 4 -2.15 -21.58 -25.98
CA TYR A 4 -3.56 -22.02 -26.07
C TYR A 4 -4.24 -21.30 -27.23
N SER A 5 -3.43 -20.84 -28.19
CA SER A 5 -3.98 -20.07 -29.34
C SER A 5 -5.01 -20.90 -30.10
N ASP A 6 -4.83 -22.22 -30.17
N ASP A 6 -4.82 -22.23 -30.13
CA ASP A 6 -5.81 -23.07 -30.88
CA ASP A 6 -5.73 -23.18 -30.85
C ASP A 6 -7.23 -22.83 -30.30
C ASP A 6 -7.17 -23.11 -30.27
N CYS A 7 -7.33 -22.84 -28.97
CA CYS A 7 -8.69 -22.72 -28.34
C CYS A 7 -9.28 -21.33 -28.56
N PHE A 8 -8.46 -20.33 -28.88
CA PHE A 8 -8.98 -18.95 -29.08
C PHE A 8 -9.55 -18.77 -30.49
N GLU A 9 -9.21 -19.67 -31.43
CA GLU A 9 -9.77 -19.62 -32.81
C GLU A 9 -9.56 -18.24 -33.45
N GLY A 10 -8.37 -17.66 -33.33
CA GLY A 10 -8.11 -16.37 -34.00
C GLY A 10 -8.49 -15.16 -33.15
N ILE A 11 -9.27 -15.35 -32.10
CA ILE A 11 -9.66 -14.24 -31.20
C ILE A 11 -8.42 -13.79 -30.42
N SER A 12 -8.21 -12.48 -30.34
CA SER A 12 -7.03 -11.96 -29.60
C SER A 12 -7.21 -12.20 -28.09
N GLY A 13 -6.21 -12.79 -27.43
CA GLY A 13 -6.37 -12.99 -25.98
C GLY A 13 -5.20 -13.69 -25.33
N GLY A 14 -5.40 -14.02 -24.06
CA GLY A 14 -4.39 -14.70 -23.26
C GLY A 14 -5.01 -15.48 -22.14
N ALA A 15 -4.20 -16.30 -21.49
CA ALA A 15 -4.73 -17.11 -20.38
C ALA A 15 -3.62 -17.35 -19.38
N ILE A 16 -4.00 -17.43 -18.11
CA ILE A 16 -3.02 -17.77 -17.05
C ILE A 16 -3.68 -18.72 -16.08
N PHE A 17 -2.98 -19.82 -15.79
CA PHE A 17 -3.36 -20.84 -14.79
C PHE A 17 -2.27 -20.87 -13.73
N TYR A 18 -2.68 -20.87 -12.46
N TYR A 18 -2.68 -20.92 -12.46
CA TYR A 18 -1.72 -20.94 -11.34
CA TYR A 18 -1.76 -20.87 -11.31
C TYR A 18 -2.03 -22.14 -10.48
C TYR A 18 -2.02 -22.08 -10.39
N ASN A 19 -0.99 -22.90 -10.19
CA ASN A 19 -1.06 -24.12 -9.36
C ASN A 19 -0.42 -23.78 -8.01
N THR A 20 -1.22 -23.70 -6.94
CA THR A 20 -0.72 -23.31 -5.59
C THR A 20 0.22 -24.38 -5.03
N LYS A 21 0.19 -25.59 -5.57
CA LYS A 21 1.05 -26.70 -5.07
C LYS A 21 2.52 -26.42 -5.41
N ASN A 22 2.83 -26.20 -6.69
CA ASN A 22 4.23 -26.00 -7.14
C ASN A 22 4.51 -24.51 -7.40
N LYS A 23 3.51 -23.65 -7.15
CA LYS A 23 3.69 -22.18 -7.29
C LYS A 23 4.04 -21.81 -8.74
N GLU A 24 3.66 -22.66 -9.70
CA GLU A 24 4.00 -22.41 -11.12
C GLU A 24 2.82 -21.81 -11.87
N TYR A 25 3.13 -20.88 -12.77
CA TYR A 25 2.10 -20.26 -13.64
C TYR A 25 2.24 -20.85 -15.04
N ASN A 26 1.10 -21.17 -15.65
CA ASN A 26 1.05 -21.59 -17.07
C ASN A 26 0.54 -20.33 -17.78
N ILE A 27 1.40 -19.69 -18.57
CA ILE A 27 1.02 -18.40 -19.19
C ILE A 27 0.97 -18.47 -20.71
N TYR A 28 -0.16 -18.08 -21.28
CA TYR A 28 -0.32 -17.88 -22.73
C TYR A 28 -0.48 -16.38 -22.98
N ASN A 29 0.49 -15.75 -23.66
CA ASN A 29 0.48 -14.30 -24.01
C ASN A 29 0.84 -13.48 -22.75
N LYS A 30 2.11 -13.54 -22.37
CA LYS A 30 2.60 -12.86 -21.15
C LYS A 30 2.24 -11.36 -21.11
N GLU A 31 2.49 -10.64 -22.20
CA GLU A 31 2.23 -9.17 -22.18
C GLU A 31 0.76 -8.89 -21.88
N LEU A 32 -0.15 -9.65 -22.49
CA LEU A 32 -1.58 -9.41 -22.22
C LEU A 32 -1.95 -9.81 -20.78
N ILE A 33 -1.48 -10.96 -20.27
N ILE A 33 -1.43 -10.95 -20.31
CA ILE A 33 -1.92 -11.32 -18.89
CA ILE A 33 -1.74 -11.44 -18.93
C ILE A 33 -1.31 -10.38 -17.85
C ILE A 33 -1.27 -10.44 -17.87
N GLU A 34 -0.30 -9.57 -18.21
CA GLU A 34 0.22 -8.57 -17.22
C GLU A 34 -0.44 -7.20 -17.44
N THR A 35 -1.34 -7.08 -18.40
CA THR A 35 -1.94 -5.75 -18.67
C THR A 35 -3.20 -5.52 -17.84
N ARG A 36 -3.22 -4.44 -17.06
CA ARG A 36 -4.47 -4.12 -16.30
C ARG A 36 -5.61 -3.67 -17.22
N ARG A 37 -6.81 -4.16 -16.90
CA ARG A 37 -8.03 -3.77 -17.62
C ARG A 37 -9.19 -3.74 -16.63
N SER A 38 -10.26 -3.06 -17.00
CA SER A 38 -11.48 -3.11 -16.14
C SER A 38 -11.87 -4.57 -15.91
N PRO A 39 -12.16 -4.98 -14.65
CA PRO A 39 -12.60 -6.34 -14.38
C PRO A 39 -14.04 -6.61 -14.84
N CYS A 40 -14.80 -5.54 -15.07
CA CYS A 40 -16.24 -5.66 -15.42
C CYS A 40 -16.90 -6.60 -14.39
N SER A 41 -17.82 -7.46 -14.79
CA SER A 41 -18.59 -8.27 -13.81
C SER A 41 -17.73 -9.31 -13.08
N THR A 42 -16.46 -9.55 -13.47
CA THR A 42 -15.65 -10.46 -12.63
C THR A 42 -15.47 -9.84 -11.24
N PHE A 43 -15.71 -8.53 -11.09
CA PHE A 43 -15.58 -7.89 -9.76
C PHE A 43 -16.60 -8.46 -8.77
N ILE A 45 -17.03 -11.33 -7.88
CA ILE A 45 -16.35 -12.28 -7.02
C ILE A 45 -15.99 -11.56 -5.71
N VAL A 46 -15.39 -10.39 -5.81
CA VAL A 46 -14.98 -9.63 -4.60
C VAL A 46 -16.16 -8.89 -3.99
N SER A 47 -17.01 -8.28 -4.80
CA SER A 47 -18.13 -7.51 -4.18
C SER A 47 -19.08 -8.45 -3.42
N THR A 48 -19.19 -9.70 -3.83
CA THR A 48 -20.02 -10.67 -3.05
C THR A 48 -19.44 -10.80 -1.63
N LEU A 49 -18.14 -10.98 -1.53
CA LEU A 49 -17.47 -11.17 -0.20
C LEU A 49 -17.57 -9.87 0.60
N ILE A 50 -17.47 -8.72 -0.07
CA ILE A 50 -17.60 -7.44 0.69
C ILE A 50 -19.02 -7.35 1.25
N GLY A 51 -20.03 -7.65 0.42
CA GLY A 51 -21.42 -7.59 0.91
C GLY A 51 -21.65 -8.53 2.08
N LEU A 52 -21.13 -9.75 1.99
CA LEU A 52 -21.29 -10.72 3.11
C LEU A 52 -20.55 -10.22 4.36
N GLU A 53 -19.29 -9.80 4.22
CA GLU A 53 -18.50 -9.30 5.37
C GLU A 53 -19.23 -8.15 6.06
N LYS A 54 -19.89 -7.29 5.28
CA LYS A 54 -20.55 -6.08 5.85
C LYS A 54 -22.00 -6.33 6.28
N GLY A 55 -22.55 -7.53 6.08
CA GLY A 55 -23.93 -7.85 6.49
C GLY A 55 -24.97 -7.29 5.54
N VAL A 56 -24.57 -6.80 4.36
CA VAL A 56 -25.57 -6.28 3.37
C VAL A 56 -26.35 -7.46 2.80
N ILE A 57 -25.68 -8.61 2.70
CA ILE A 57 -26.26 -9.92 2.26
C ILE A 57 -25.78 -10.95 3.27
N ASN A 58 -26.37 -12.14 3.27
CA ASN A 58 -26.03 -13.12 4.32
C ASN A 58 -26.08 -14.55 3.79
N SER A 59 -26.55 -14.73 2.56
CA SER A 59 -26.78 -16.11 2.07
C SER A 59 -26.99 -16.14 0.56
N LYS A 60 -27.04 -17.34 -0.02
CA LYS A 60 -27.24 -17.42 -1.48
C LYS A 60 -28.68 -16.99 -1.83
N GLU A 61 -29.57 -16.92 -0.83
CA GLU A 61 -30.99 -16.53 -1.07
C GLU A 61 -31.19 -15.01 -0.87
N SER A 62 -30.18 -14.30 -0.37
CA SER A 62 -30.33 -12.87 -0.01
C SER A 62 -30.88 -12.03 -1.17
N VAL A 63 -31.84 -11.16 -0.86
CA VAL A 63 -32.41 -10.24 -1.89
C VAL A 63 -32.10 -8.81 -1.49
N GLY A 65 -34.11 -6.16 -2.86
CA GLY A 65 -35.30 -5.32 -3.01
C GLY A 65 -35.36 -4.73 -4.40
N TYR A 66 -36.35 -5.13 -5.19
CA TYR A 66 -36.52 -4.71 -6.61
C TYR A 66 -37.54 -3.58 -6.69
N ASP A 67 -37.17 -2.48 -7.35
CA ASP A 67 -38.06 -1.29 -7.43
C ASP A 67 -38.99 -1.35 -8.65
N GLY A 68 -39.01 -2.45 -9.41
CA GLY A 68 -39.91 -2.51 -10.57
C GLY A 68 -39.31 -1.94 -11.85
N THR A 69 -38.09 -1.40 -11.81
CA THR A 69 -37.44 -0.90 -13.05
C THR A 69 -37.39 -2.01 -14.11
N GLU A 70 -37.80 -1.69 -15.32
CA GLU A 70 -37.79 -2.67 -16.43
C GLU A 70 -36.43 -2.55 -17.14
N TYR A 71 -35.58 -3.55 -17.00
CA TYR A 71 -34.23 -3.53 -17.62
C TYR A 71 -34.24 -4.25 -18.96
N PRO A 72 -33.32 -3.88 -19.87
CA PRO A 72 -33.19 -4.56 -21.16
C PRO A 72 -33.03 -6.07 -20.93
N ASN A 73 -32.22 -6.46 -19.94
CA ASN A 73 -32.00 -7.88 -19.63
C ASN A 73 -33.18 -8.33 -18.76
N LYS A 74 -34.15 -9.02 -19.37
CA LYS A 74 -35.37 -9.42 -18.64
C LYS A 74 -35.05 -10.39 -17.49
N ASN A 75 -33.85 -10.96 -17.45
CA ASN A 75 -33.49 -11.85 -16.31
C ASN A 75 -33.23 -10.99 -15.05
N TRP A 76 -33.19 -9.67 -15.19
CA TRP A 76 -32.96 -8.75 -14.05
C TRP A 76 -34.27 -8.20 -13.49
N ASN A 77 -35.40 -8.50 -14.13
CA ASN A 77 -36.68 -7.83 -13.80
C ASN A 77 -37.44 -8.54 -12.69
N LYS A 78 -36.78 -8.83 -11.58
CA LYS A 78 -37.49 -9.44 -10.42
C LYS A 78 -36.60 -9.30 -9.19
N ASN A 79 -37.15 -9.62 -8.02
CA ASN A 79 -36.36 -9.53 -6.77
C ASN A 79 -35.48 -10.77 -6.71
N LEU A 80 -34.38 -10.76 -7.48
CA LEU A 80 -33.58 -12.00 -7.58
C LEU A 80 -32.63 -12.17 -6.38
N SER A 81 -32.32 -13.44 -6.12
CA SER A 81 -31.43 -13.87 -5.02
C SER A 81 -29.96 -13.58 -5.39
N LEU A 82 -29.08 -13.67 -4.41
CA LEU A 82 -27.62 -13.49 -4.66
C LEU A 82 -27.16 -14.51 -5.71
N GLU A 83 -27.58 -15.76 -5.58
CA GLU A 83 -27.17 -16.80 -6.56
C GLU A 83 -27.60 -16.39 -7.96
N GLU A 84 -28.85 -15.97 -8.13
CA GLU A 84 -29.36 -15.54 -9.46
C GLU A 84 -28.64 -14.29 -9.93
N ALA A 85 -28.41 -13.34 -9.02
CA ALA A 85 -27.77 -12.07 -9.42
C ALA A 85 -26.35 -12.34 -9.93
N PHE A 86 -25.66 -13.24 -9.25
CA PHE A 86 -24.28 -13.59 -9.66
C PHE A 86 -24.32 -14.26 -11.04
N LYS A 87 -25.19 -15.25 -11.22
CA LYS A 87 -25.25 -16.01 -12.49
C LYS A 87 -25.77 -15.13 -13.64
N GLU A 88 -26.65 -14.16 -13.36
CA GLU A 88 -27.17 -13.28 -14.45
C GLU A 88 -26.35 -11.99 -14.54
N SER A 89 -25.23 -11.89 -13.80
N SER A 89 -25.28 -11.91 -13.73
CA SER A 89 -24.42 -10.64 -13.80
CA SER A 89 -24.38 -10.73 -13.68
C SER A 89 -25.31 -9.43 -13.57
C SER A 89 -25.24 -9.46 -13.52
N CYS A 90 -26.14 -9.48 -12.52
CA CYS A 90 -27.12 -8.40 -12.29
C CYS A 90 -26.47 -7.15 -11.70
N VAL A 91 -26.22 -6.17 -12.55
CA VAL A 91 -25.55 -4.91 -12.11
C VAL A 91 -26.39 -4.15 -11.07
N TRP A 92 -27.70 -4.07 -11.22
CA TRP A 92 -28.48 -3.21 -10.28
C TRP A 92 -28.39 -3.78 -8.86
N TYR A 93 -28.40 -5.11 -8.73
CA TYR A 93 -28.29 -5.78 -7.41
C TYR A 93 -26.94 -5.45 -6.76
N TYR A 94 -25.88 -5.61 -7.54
CA TYR A 94 -24.52 -5.37 -6.98
C TYR A 94 -24.25 -3.86 -6.78
N LYS A 95 -24.84 -2.98 -7.57
CA LYS A 95 -24.61 -1.52 -7.32
C LYS A 95 -25.34 -1.12 -6.03
N LYS A 96 -26.55 -1.62 -5.82
CA LYS A 96 -27.31 -1.32 -4.58
C LYS A 96 -26.54 -1.90 -3.37
N LEU A 97 -25.94 -3.07 -3.53
CA LEU A 97 -25.15 -3.72 -2.45
C LEU A 97 -23.93 -2.85 -2.11
N ILE A 98 -23.16 -2.48 -3.13
CA ILE A 98 -21.90 -1.74 -2.83
C ILE A 98 -22.21 -0.31 -2.34
N ASP A 99 -23.34 0.25 -2.77
CA ASP A 99 -23.72 1.61 -2.30
C ASP A 99 -23.96 1.59 -0.79
N LYS A 100 -24.23 0.42 -0.19
CA LYS A 100 -24.45 0.36 1.28
C LYS A 100 -23.11 0.21 2.04
N VAL A 101 -21.99 0.14 1.32
CA VAL A 101 -20.68 -0.02 2.01
C VAL A 101 -19.88 1.29 1.90
N ASP A 102 -19.28 1.76 3.00
CA ASP A 102 -18.45 3.00 2.97
C ASP A 102 -17.29 2.85 1.98
N ALA A 103 -16.97 3.91 1.22
CA ALA A 103 -15.87 3.80 0.25
C ALA A 103 -14.58 3.44 1.00
N LYS A 104 -14.41 3.93 2.24
CA LYS A 104 -13.17 3.62 3.00
C LYS A 104 -13.07 2.11 3.22
N SER A 105 -14.19 1.45 3.49
CA SER A 105 -14.18 -0.03 3.74
C SER A 105 -13.82 -0.77 2.45
N VAL A 106 -14.41 -0.35 1.35
CA VAL A 106 -14.07 -0.98 0.04
C VAL A 106 -12.58 -0.73 -0.24
N GLN A 107 -12.12 0.51 -0.07
CA GLN A 107 -10.70 0.87 -0.37
C GLN A 107 -9.76 -0.02 0.44
N ASN A 108 -9.98 -0.10 1.76
CA ASN A 108 -9.10 -0.90 2.67
C ASN A 108 -9.11 -2.37 2.25
N ILE A 109 -10.28 -2.88 1.88
CA ILE A 109 -10.39 -4.31 1.49
C ILE A 109 -9.62 -4.54 0.17
N LEU A 110 -9.83 -3.68 -0.83
CA LEU A 110 -9.10 -3.86 -2.11
C LEU A 110 -7.59 -3.67 -1.89
N ASP A 111 -7.17 -2.67 -1.10
CA ASP A 111 -5.72 -2.47 -0.85
C ASP A 111 -5.13 -3.73 -0.20
N ASP A 112 -5.84 -4.30 0.77
CA ASP A 112 -5.37 -5.51 1.48
C ASP A 112 -5.34 -6.71 0.50
N LEU A 113 -6.26 -6.78 -0.46
CA LEU A 113 -6.28 -7.86 -1.49
C LEU A 113 -5.27 -7.54 -2.60
N LYS A 114 -4.69 -6.34 -2.62
CA LYS A 114 -3.84 -5.92 -3.76
C LYS A 114 -4.65 -6.13 -5.05
N TYR A 115 -5.88 -5.58 -5.09
CA TYR A 115 -6.80 -5.76 -6.25
C TYR A 115 -6.45 -4.74 -7.35
N GLY A 116 -5.34 -5.01 -8.05
CA GLY A 116 -4.90 -4.14 -9.15
C GLY A 116 -4.65 -2.71 -8.70
N ASN A 117 -5.16 -1.73 -9.45
CA ASN A 117 -4.89 -0.33 -9.09
C ASN A 117 -5.74 0.10 -7.88
N CYS A 118 -6.71 -0.71 -7.42
CA CYS A 118 -7.52 -0.35 -6.22
C CYS A 118 -8.14 1.05 -6.40
N ASP A 119 -8.41 1.44 -7.65
CA ASP A 119 -8.93 2.80 -7.90
C ASP A 119 -10.46 2.79 -8.01
N ILE A 120 -11.12 3.26 -6.95
CA ILE A 120 -12.63 3.30 -6.89
C ILE A 120 -13.08 4.76 -6.95
N SER A 121 -12.21 5.64 -7.46
CA SER A 121 -12.48 7.11 -7.51
C SER A 121 -13.73 7.42 -8.34
N GLU A 122 -13.98 6.68 -9.43
CA GLU A 122 -15.18 6.98 -10.26
C GLU A 122 -16.29 6.05 -9.78
N TRP A 123 -16.77 6.30 -8.56
CA TRP A 123 -17.70 5.35 -7.89
C TRP A 123 -18.89 5.02 -8.79
N GLU A 124 -19.48 6.06 -9.40
CA GLU A 124 -20.70 5.91 -10.19
C GLU A 124 -20.39 5.33 -11.57
N GLY A 125 -19.11 5.19 -11.91
CA GLY A 125 -18.77 4.63 -13.23
C GLY A 125 -18.75 5.65 -14.35
N ASP A 126 -18.78 5.17 -15.58
CA ASP A 126 -18.66 6.06 -16.77
C ASP A 126 -20.06 6.44 -17.26
N LEU A 127 -20.60 7.53 -16.73
CA LEU A 127 -21.98 7.98 -17.08
C LEU A 127 -22.04 8.43 -18.55
N LYS A 128 -20.91 8.71 -19.18
CA LYS A 128 -20.88 9.16 -20.60
C LYS A 128 -21.49 8.07 -21.51
N ASN A 129 -21.69 6.86 -21.00
CA ASN A 129 -22.26 5.78 -21.84
C ASN A 129 -23.80 5.86 -21.85
N GLY A 130 -24.38 6.84 -21.14
CA GLY A 130 -25.85 7.06 -21.11
C GLY A 130 -26.64 6.01 -20.32
N LYS A 131 -25.98 5.07 -19.63
CA LYS A 131 -26.73 4.00 -18.91
C LYS A 131 -27.11 4.41 -17.49
N GLY A 132 -26.87 5.66 -17.10
CA GLY A 132 -27.27 6.12 -15.76
C GLY A 132 -26.78 5.24 -14.62
N HIS A 133 -27.72 4.71 -13.82
CA HIS A 133 -27.36 3.91 -12.60
C HIS A 133 -26.78 2.54 -12.92
N LEU A 134 -26.87 2.06 -14.17
CA LEU A 134 -26.26 0.75 -14.58
C LEU A 134 -24.79 1.01 -14.92
N ASN A 135 -24.06 1.39 -13.90
CA ASN A 135 -22.63 1.75 -14.06
C ASN A 135 -21.99 1.67 -12.69
N GLY A 136 -20.67 1.60 -12.68
CA GLY A 136 -19.94 1.56 -11.40
C GLY A 136 -18.47 1.64 -11.67
N PHE A 137 -17.68 1.82 -10.62
CA PHE A 137 -16.21 1.94 -10.77
C PHE A 137 -15.61 0.67 -11.39
N TRP A 138 -16.28 -0.47 -11.30
CA TRP A 138 -15.71 -1.73 -11.81
C TRP A 138 -16.15 -2.03 -13.24
N LEU A 139 -16.88 -1.13 -13.90
CA LEU A 139 -17.43 -1.40 -15.26
C LEU A 139 -16.87 -0.38 -16.27
N GLU A 140 -15.74 -0.72 -16.93
CA GLU A 140 -15.08 0.18 -17.90
C GLU A 140 -14.93 1.56 -17.27
N SER A 141 -14.36 1.57 -16.07
CA SER A 141 -14.23 2.82 -15.29
C SER A 141 -12.86 2.86 -14.59
N SER A 142 -12.80 3.37 -13.36
CA SER A 142 -11.47 3.64 -12.77
C SER A 142 -10.72 2.36 -12.32
N LEU A 143 -11.42 1.32 -11.93
CA LEU A 143 -10.77 0.12 -11.35
C LEU A 143 -10.19 -0.73 -12.46
N GLN A 144 -8.92 -1.10 -12.34
N GLN A 144 -8.91 -1.08 -12.34
CA GLN A 144 -8.28 -1.95 -13.38
CA GLN A 144 -8.26 -1.95 -13.36
C GLN A 144 -7.38 -3.01 -12.72
C GLN A 144 -7.45 -3.04 -12.64
N ILE A 145 -7.35 -4.21 -13.29
CA ILE A 145 -6.60 -5.34 -12.70
C ILE A 145 -6.15 -6.24 -13.85
N SER A 146 -4.97 -6.83 -13.74
CA SER A 146 -4.48 -7.71 -14.82
C SER A 146 -4.99 -9.13 -14.61
N PRO A 147 -5.04 -9.97 -15.68
CA PRO A 147 -5.38 -11.38 -15.50
C PRO A 147 -4.48 -12.04 -14.45
N LYS A 148 -3.18 -11.77 -14.47
CA LYS A 148 -2.30 -12.35 -13.42
C LYS A 148 -2.76 -11.93 -12.03
N GLU A 149 -3.05 -10.64 -11.84
CA GLU A 149 -3.51 -10.15 -10.51
C GLU A 149 -4.84 -10.83 -10.13
N GLN A 150 -5.69 -11.12 -11.12
CA GLN A 150 -6.97 -11.82 -10.85
C GLN A 150 -6.69 -13.20 -10.23
N VAL A 151 -5.78 -13.93 -10.87
N VAL A 151 -5.77 -13.99 -10.82
CA VAL A 151 -5.38 -15.27 -10.39
CA VAL A 151 -5.50 -15.34 -10.23
C VAL A 151 -4.79 -15.17 -8.97
C VAL A 151 -4.76 -15.21 -8.91
N GLN A 152 -3.94 -14.16 -8.73
CA GLN A 152 -3.26 -14.00 -7.40
C GLN A 152 -4.33 -13.69 -6.34
N THR A 153 -5.33 -12.89 -6.70
CA THR A 153 -6.44 -12.57 -5.79
C THR A 153 -7.27 -13.83 -5.49
N ALA A 155 -6.39 -16.96 -5.66
CA ALA A 155 -5.57 -17.86 -4.85
C ALA A 155 -5.60 -17.43 -3.37
N LYS A 156 -5.40 -16.13 -3.10
CA LYS A 156 -5.40 -15.63 -1.70
C LYS A 156 -6.76 -15.86 -1.03
N ILE A 157 -7.83 -15.63 -1.78
CA ILE A 157 -9.19 -15.83 -1.21
C ILE A 157 -9.42 -17.31 -0.89
N PHE A 158 -9.25 -18.18 -1.88
CA PHE A 158 -9.64 -19.61 -1.71
C PHE A 158 -8.59 -20.41 -0.95
N GLU A 159 -7.37 -19.89 -0.80
CA GLU A 159 -6.33 -20.63 0.00
C GLU A 159 -6.40 -20.16 1.45
N GLY A 160 -7.30 -19.22 1.76
CA GLY A 160 -7.55 -18.76 3.13
C GLY A 160 -6.56 -17.70 3.61
N ASP A 161 -5.93 -16.95 2.71
CA ASP A 161 -4.92 -15.93 3.12
C ASP A 161 -5.53 -14.53 3.27
N THR A 162 -6.87 -14.37 3.18
CA THR A 162 -7.49 -13.03 3.34
C THR A 162 -8.23 -12.94 4.69
N ASN A 163 -8.83 -11.78 4.95
CA ASN A 163 -9.58 -11.50 6.20
C ASN A 163 -11.02 -12.02 6.07
N PHE A 164 -11.46 -12.41 4.86
CA PHE A 164 -12.86 -12.89 4.71
C PHE A 164 -13.09 -14.20 5.48
N LYS A 165 -14.30 -14.32 6.04
CA LYS A 165 -14.73 -15.51 6.82
C LYS A 165 -14.86 -16.72 5.90
N LYS A 166 -14.42 -17.88 6.37
CA LYS A 166 -14.50 -19.14 5.58
C LYS A 166 -15.96 -19.39 5.15
N GLU A 167 -16.91 -19.07 6.02
CA GLU A 167 -18.37 -19.27 5.74
C GLU A 167 -18.77 -18.45 4.50
N HIS A 168 -18.23 -17.24 4.36
CA HIS A 168 -18.59 -16.37 3.22
C HIS A 168 -17.93 -16.88 1.95
N ILE A 169 -16.66 -17.29 2.05
CA ILE A 169 -15.92 -17.85 0.89
C ILE A 169 -16.68 -19.09 0.38
N ASN A 170 -17.24 -19.88 1.29
CA ASN A 170 -17.99 -21.09 0.89
C ASN A 170 -19.25 -20.68 0.12
N ILE A 171 -19.90 -19.60 0.53
CA ILE A 171 -21.11 -19.15 -0.20
C ILE A 171 -20.67 -18.75 -1.63
N LEU A 172 -19.54 -18.06 -1.74
CA LEU A 172 -19.06 -17.63 -3.07
C LEU A 172 -18.71 -18.86 -3.93
N ARG A 173 -18.02 -19.85 -3.36
CA ARG A 173 -17.66 -21.08 -4.11
C ARG A 173 -18.93 -21.71 -4.71
N ASP A 174 -19.97 -21.84 -3.88
N ASP A 174 -19.98 -21.86 -3.90
CA ASP A 174 -21.29 -22.44 -4.26
CA ASP A 174 -21.23 -22.50 -4.38
C ASP A 174 -21.88 -21.72 -5.49
C ASP A 174 -21.86 -21.71 -5.55
N ILE A 175 -21.95 -20.38 -5.45
CA ILE A 175 -22.62 -19.61 -6.55
C ILE A 175 -21.75 -19.56 -7.81
N LYS A 177 -19.95 -22.18 -8.96
CA LYS A 177 -19.82 -23.50 -9.56
C LYS A 177 -20.51 -23.51 -10.93
N ILE A 178 -19.85 -24.09 -11.95
CA ILE A 178 -20.49 -24.21 -13.29
C ILE A 178 -20.51 -25.71 -13.68
N ASP A 179 -21.47 -26.08 -14.52
CA ASP A 179 -21.58 -27.49 -14.97
C ASP A 179 -20.77 -27.63 -16.26
N VAL A 180 -19.75 -28.50 -16.29
CA VAL A 180 -18.93 -28.69 -17.53
C VAL A 180 -19.14 -30.10 -18.12
N ASN A 181 -20.09 -30.89 -17.59
CA ASN A 181 -20.35 -32.25 -18.12
C ASN A 181 -19.14 -33.16 -17.85
N ASP A 182 -18.60 -33.12 -16.65
CA ASP A 182 -17.43 -33.97 -16.26
C ASP A 182 -17.33 -33.94 -14.73
N LYS A 183 -17.84 -34.98 -14.05
CA LYS A 183 -17.84 -35.01 -12.57
C LYS A 183 -16.43 -35.36 -12.04
N ASN A 184 -15.45 -35.55 -12.91
CA ASN A 184 -14.06 -35.84 -12.45
C ASN A 184 -13.32 -34.52 -12.20
N ILE A 185 -13.95 -33.38 -12.55
CA ILE A 185 -13.33 -32.04 -12.31
C ILE A 185 -14.41 -31.08 -11.81
N ASN A 186 -14.03 -30.15 -10.94
CA ASN A 186 -14.96 -29.09 -10.48
C ASN A 186 -14.48 -27.77 -11.11
N VAL A 187 -15.37 -27.05 -11.79
CA VAL A 187 -15.03 -25.73 -12.39
C VAL A 187 -15.91 -24.68 -11.74
N TYR A 188 -15.28 -23.55 -11.40
CA TYR A 188 -15.95 -22.40 -10.75
C TYR A 188 -15.53 -21.15 -11.51
N GLY A 189 -16.41 -20.19 -11.70
CA GLY A 189 -15.93 -18.99 -12.41
C GLY A 189 -16.96 -17.90 -12.55
N LYS A 190 -16.53 -16.76 -13.06
CA LYS A 190 -17.43 -15.63 -13.30
C LYS A 190 -17.05 -14.97 -14.62
N THR A 191 -18.05 -14.64 -15.42
CA THR A 191 -17.81 -13.94 -16.70
C THR A 191 -17.75 -12.42 -16.49
N GLY A 192 -17.17 -11.74 -17.47
CA GLY A 192 -17.16 -10.28 -17.44
C GLY A 192 -17.20 -9.79 -18.87
N THR A 193 -17.99 -8.76 -19.14
CA THR A 193 -18.14 -8.24 -20.50
C THR A 193 -18.13 -6.72 -20.48
N GLY A 194 -17.23 -6.12 -21.24
CA GLY A 194 -17.20 -4.67 -21.39
C GLY A 194 -16.57 -4.30 -22.72
N PHE A 195 -16.74 -3.06 -23.11
CA PHE A 195 -16.08 -2.55 -24.33
C PHE A 195 -15.34 -1.27 -23.93
N ASP A 196 -14.04 -1.26 -24.19
CA ASP A 196 -13.17 -0.09 -23.88
C ASP A 196 -13.36 0.87 -25.06
N GLU A 197 -14.22 1.87 -24.88
CA GLU A 197 -14.55 2.85 -25.96
C GLU A 197 -13.31 3.63 -26.38
N LYS A 198 -12.41 3.93 -25.46
CA LYS A 198 -11.20 4.72 -25.78
C LYS A 198 -10.28 3.95 -26.73
N ASN A 199 -9.98 2.70 -26.42
CA ASN A 199 -9.06 1.86 -27.24
C ASN A 199 -9.82 0.99 -28.25
N LYS A 200 -11.16 1.01 -28.26
CA LYS A 200 -11.96 0.21 -29.22
C LYS A 200 -11.57 -1.27 -29.14
N ARG A 201 -11.62 -1.82 -27.93
CA ARG A 201 -11.35 -3.26 -27.74
C ARG A 201 -12.30 -3.79 -26.66
N VAL A 202 -12.65 -5.06 -26.79
CA VAL A 202 -13.47 -5.66 -25.71
C VAL A 202 -12.61 -5.96 -24.49
N ASP A 203 -13.29 -6.04 -23.34
CA ASP A 203 -12.74 -6.64 -22.10
C ASP A 203 -13.68 -7.81 -21.85
N ALA A 204 -13.29 -9.00 -22.30
CA ALA A 204 -14.12 -10.21 -22.15
C ALA A 204 -13.31 -11.18 -21.27
N TRP A 205 -13.93 -11.59 -20.19
CA TRP A 205 -13.25 -12.36 -19.14
C TRP A 205 -13.97 -13.63 -18.75
N PHE A 206 -13.17 -14.58 -18.27
CA PHE A 206 -13.69 -15.73 -17.52
C PHE A 206 -12.62 -16.00 -16.47
N VAL A 207 -12.98 -15.81 -15.20
CA VAL A 207 -12.03 -15.93 -14.07
C VAL A 207 -12.57 -16.97 -13.08
N GLY A 208 -11.70 -17.83 -12.57
CA GLY A 208 -12.21 -18.82 -11.62
C GLY A 208 -11.15 -19.81 -11.20
N LEU A 210 -10.13 -24.42 -11.06
N LEU A 210 -10.35 -24.38 -10.98
CA LEU A 210 -10.38 -25.80 -11.46
CA LEU A 210 -10.59 -25.73 -11.39
C LEU A 210 -9.88 -26.71 -10.35
C LEU A 210 -9.93 -26.69 -10.40
N GLU A 211 -10.67 -27.73 -9.98
CA GLU A 211 -10.16 -28.74 -9.01
C GLU A 211 -10.20 -30.10 -9.73
N ARG A 212 -9.05 -30.75 -9.85
CA ARG A 212 -9.03 -32.07 -10.54
C ARG A 212 -8.07 -32.99 -9.80
N GLU A 213 -8.61 -34.08 -9.26
CA GLU A 213 -7.87 -35.15 -8.56
C GLU A 213 -6.71 -34.57 -7.72
N GLY A 214 -7.04 -33.89 -6.62
CA GLY A 214 -6.01 -33.37 -5.70
C GLY A 214 -5.35 -32.06 -6.12
N ASP A 215 -5.45 -31.66 -7.40
CA ASP A 215 -4.79 -30.40 -7.88
C ASP A 215 -5.80 -29.25 -8.00
N THR A 216 -5.39 -28.05 -7.61
CA THR A 216 -6.24 -26.84 -7.76
C THR A 216 -5.51 -25.83 -8.65
N TYR A 217 -6.19 -25.32 -9.67
CA TYR A 217 -5.62 -24.26 -10.54
C TYR A 217 -6.54 -23.04 -10.49
N TYR A 218 -5.97 -21.86 -10.26
CA TYR A 218 -6.70 -20.58 -10.33
C TYR A 218 -6.48 -20.03 -11.74
N PHE A 219 -7.51 -19.53 -12.42
CA PHE A 219 -7.24 -19.12 -13.81
C PHE A 219 -7.96 -17.84 -14.16
N ALA A 220 -7.47 -17.22 -15.22
CA ALA A 220 -8.06 -16.02 -15.82
C ALA A 220 -7.85 -16.11 -17.32
N ILE A 221 -8.96 -16.09 -18.06
CA ILE A 221 -8.95 -16.11 -19.53
C ILE A 221 -9.41 -14.72 -19.96
N LYS A 222 -8.70 -14.10 -20.88
CA LYS A 222 -9.05 -12.72 -21.25
C LYS A 222 -8.94 -12.52 -22.74
N SER A 223 -9.91 -11.82 -23.31
CA SER A 223 -9.82 -11.37 -24.73
C SER A 223 -9.81 -9.84 -24.75
N ASP A 224 -9.03 -9.29 -25.69
CA ASP A 224 -8.96 -7.84 -26.01
C ASP A 224 -9.26 -7.67 -27.51
N ASP A 225 -10.10 -8.54 -28.06
CA ASP A 225 -10.42 -8.52 -29.50
C ASP A 225 -11.10 -7.21 -29.93
N SER A 226 -11.01 -6.90 -31.21
CA SER A 226 -11.69 -5.71 -31.79
C SER A 226 -13.19 -6.00 -31.96
N ASN A 227 -13.55 -7.28 -32.07
CA ASN A 227 -14.96 -7.66 -32.40
C ASN A 227 -15.85 -7.62 -31.15
N LYS A 228 -16.85 -6.74 -31.15
CA LYS A 228 -17.76 -6.61 -29.98
C LYS A 228 -18.56 -7.89 -29.72
N GLU A 229 -18.57 -8.83 -30.66
CA GLU A 229 -19.32 -10.10 -30.44
C GLU A 229 -18.59 -10.92 -29.37
N ILE A 230 -17.33 -10.58 -29.08
CA ILE A 230 -16.53 -11.38 -28.11
C ILE A 230 -16.89 -10.87 -26.70
N THR A 231 -17.68 -11.66 -25.98
CA THR A 231 -18.14 -11.31 -24.63
C THR A 231 -17.63 -12.34 -23.61
N GLY A 232 -17.90 -12.07 -22.34
CA GLY A 232 -17.56 -13.01 -21.26
C GLY A 232 -17.99 -14.43 -21.61
N PRO A 233 -19.27 -14.64 -21.99
CA PRO A 233 -19.76 -15.96 -22.37
C PRO A 233 -18.94 -16.66 -23.46
N LYS A 234 -18.43 -15.90 -24.43
CA LYS A 234 -17.59 -16.51 -25.50
C LYS A 234 -16.25 -16.92 -24.89
N VAL A 235 -15.68 -16.08 -24.02
CA VAL A 235 -14.39 -16.41 -23.37
C VAL A 235 -14.58 -17.58 -22.41
N LYS A 236 -15.79 -17.72 -21.84
CA LYS A 236 -16.07 -18.90 -20.99
C LYS A 236 -16.00 -20.18 -21.85
N GLU A 237 -16.50 -20.12 -23.08
CA GLU A 237 -16.47 -21.29 -24.00
C GLU A 237 -15.00 -21.65 -24.27
N ILE A 238 -14.20 -20.64 -24.56
CA ILE A 238 -12.73 -20.83 -24.79
C ILE A 238 -12.09 -21.44 -23.54
N ALA A 239 -12.41 -20.92 -22.36
CA ALA A 239 -11.83 -21.44 -21.10
C ALA A 239 -12.17 -22.92 -20.94
N ILE A 240 -13.43 -23.28 -21.14
CA ILE A 240 -13.83 -24.72 -20.98
C ILE A 240 -13.07 -25.56 -22.02
N ASN A 241 -12.89 -25.06 -23.24
CA ASN A 241 -12.15 -25.85 -24.25
C ASN A 241 -10.68 -26.00 -23.80
N ILE A 242 -10.10 -24.95 -23.20
CA ILE A 242 -8.69 -25.05 -22.71
C ILE A 242 -8.62 -26.10 -21.60
N ILE A 243 -9.58 -26.07 -20.68
CA ILE A 243 -9.63 -27.01 -19.52
C ILE A 243 -9.77 -28.44 -20.06
N LYS A 244 -10.62 -28.65 -21.07
CA LYS A 244 -10.84 -30.02 -21.61
C LYS A 244 -9.57 -30.53 -22.31
N LYS A 245 -8.86 -29.69 -23.04
CA LYS A 245 -7.67 -30.17 -23.78
C LYS A 245 -6.41 -30.25 -22.92
N TYR A 246 -6.20 -29.30 -22.00
CA TYR A 246 -4.91 -29.22 -21.28
C TYR A 246 -5.00 -29.55 -19.79
N TYR A 247 -6.19 -29.62 -19.18
CA TYR A 247 -6.25 -29.80 -17.70
C TYR A 247 -7.17 -30.94 -17.27
N SER A 248 -7.50 -31.88 -18.14
CA SER A 248 -8.41 -32.97 -17.71
C SER A 248 -7.67 -34.30 -17.54
N VAL A 249 -6.86 -34.70 -18.53
CA VAL A 249 -6.05 -35.96 -18.46
C VAL A 249 -6.87 -37.06 -17.78
N VAL B 2 43.91 3.72 3.41
CA VAL B 2 42.65 3.21 4.05
C VAL B 2 42.06 2.09 3.18
N ASP B 3 42.71 0.91 3.18
CA ASP B 3 42.23 -0.26 2.39
C ASP B 3 41.43 -1.21 3.29
N TYR B 4 40.12 -1.29 3.08
CA TYR B 4 39.25 -2.17 3.90
C TYR B 4 39.45 -3.65 3.53
N SER B 5 40.23 -3.93 2.48
CA SER B 5 40.52 -5.30 1.96
C SER B 5 40.90 -6.31 3.06
N ASP B 6 41.84 -5.93 3.93
CA ASP B 6 42.38 -6.85 4.98
C ASP B 6 41.31 -7.26 6.00
N CYS B 7 40.20 -6.52 6.13
CA CYS B 7 39.18 -6.87 7.17
C CYS B 7 38.19 -7.95 6.67
N PHE B 8 38.25 -8.32 5.39
CA PHE B 8 37.30 -9.31 4.82
C PHE B 8 37.81 -10.74 5.04
N GLU B 9 39.10 -10.90 5.36
CA GLU B 9 39.68 -12.25 5.63
C GLU B 9 39.43 -13.20 4.45
N GLY B 10 39.64 -12.72 3.22
CA GLY B 10 39.47 -13.58 2.01
C GLY B 10 38.02 -13.75 1.58
N ILE B 11 37.09 -13.12 2.28
CA ILE B 11 35.64 -13.16 1.91
C ILE B 11 35.43 -12.16 0.77
N SER B 12 34.76 -12.59 -0.31
CA SER B 12 34.47 -11.71 -1.46
C SER B 12 33.45 -10.63 -1.05
N GLY B 13 33.74 -9.36 -1.36
CA GLY B 13 32.79 -8.30 -0.99
C GLY B 13 33.36 -6.90 -1.19
N GLY B 14 32.63 -5.90 -0.68
CA GLY B 14 33.05 -4.50 -0.77
C GLY B 14 32.50 -3.68 0.39
N ALA B 15 32.96 -2.44 0.47
CA ALA B 15 32.53 -1.52 1.54
C ALA B 15 32.51 -0.10 1.00
N ILE B 16 31.58 0.70 1.51
CA ILE B 16 31.47 2.13 1.12
C ILE B 16 31.10 2.92 2.36
N PHE B 17 31.87 3.98 2.60
CA PHE B 17 31.64 4.90 3.73
C PHE B 17 31.51 6.30 3.15
N TYR B 18 30.46 6.99 3.57
CA TYR B 18 30.18 8.38 3.14
C TYR B 18 30.23 9.27 4.38
N ASN B 19 30.98 10.36 4.29
CA ASN B 19 31.13 11.29 5.43
C ASN B 19 30.33 12.57 5.13
N THR B 20 29.49 12.99 6.07
CA THR B 20 28.61 14.16 5.89
C THR B 20 29.41 15.46 5.85
N LYS B 21 30.58 15.48 6.49
CA LYS B 21 31.38 16.72 6.59
C LYS B 21 32.00 17.06 5.23
N ASN B 22 32.78 16.15 4.66
CA ASN B 22 33.50 16.43 3.39
C ASN B 22 32.70 15.88 2.18
N LYS B 23 31.62 15.11 2.42
CA LYS B 23 30.77 14.59 1.31
C LYS B 23 31.60 13.66 0.41
N GLU B 24 32.60 13.00 0.98
CA GLU B 24 33.45 12.06 0.23
C GLU B 24 33.03 10.62 0.52
N TYR B 25 33.14 9.79 -0.51
CA TYR B 25 32.91 8.34 -0.40
C TYR B 25 34.27 7.62 -0.42
N ASN B 26 34.52 6.75 0.57
CA ASN B 26 35.69 5.85 0.60
C ASN B 26 35.15 4.51 0.08
N ILE B 27 35.80 3.95 -0.91
CA ILE B 27 35.21 2.76 -1.59
C ILE B 27 36.21 1.61 -1.70
N TYR B 28 35.77 0.43 -1.30
CA TYR B 28 36.53 -0.83 -1.52
C TYR B 28 35.67 -1.69 -2.46
N ASN B 29 36.21 -2.01 -3.65
CA ASN B 29 35.54 -2.84 -4.69
C ASN B 29 34.39 -2.03 -5.31
N LYS B 30 34.75 -1.05 -6.16
CA LYS B 30 33.77 -0.14 -6.80
C LYS B 30 32.71 -0.92 -7.58
N GLU B 31 33.12 -1.92 -8.38
CA GLU B 31 32.16 -2.69 -9.20
C GLU B 31 31.08 -3.31 -8.30
N LEU B 32 31.49 -3.93 -7.21
CA LEU B 32 30.48 -4.57 -6.32
C LEU B 32 29.60 -3.50 -5.64
N ILE B 33 30.21 -2.41 -5.17
N ILE B 33 30.17 -2.38 -5.20
CA ILE B 33 29.46 -1.32 -4.47
CA ILE B 33 29.29 -1.38 -4.51
C ILE B 33 28.37 -0.71 -5.37
C ILE B 33 28.41 -0.65 -5.54
N GLU B 34 28.56 -0.73 -6.70
N GLU B 34 28.64 -0.84 -6.85
CA GLU B 34 27.58 -0.17 -7.67
CA GLU B 34 27.71 -0.24 -7.86
C GLU B 34 26.61 -1.25 -8.19
C GLU B 34 26.73 -1.30 -8.34
N THR B 35 26.79 -2.52 -7.78
CA THR B 35 25.91 -3.62 -8.25
C THR B 35 24.67 -3.78 -7.37
N ARG B 36 23.50 -3.70 -7.99
CA ARG B 36 22.22 -3.88 -7.29
C ARG B 36 22.02 -5.35 -6.92
N ARG B 37 21.61 -5.59 -5.68
CA ARG B 37 21.29 -6.93 -5.12
C ARG B 37 20.07 -6.81 -4.21
N SER B 38 19.37 -7.92 -3.99
CA SER B 38 18.24 -7.86 -3.04
C SER B 38 18.72 -7.30 -1.71
N PRO B 39 17.99 -6.35 -1.08
CA PRO B 39 18.42 -5.80 0.21
C PRO B 39 18.21 -6.79 1.36
N CYS B 40 17.37 -7.79 1.13
CA CYS B 40 17.01 -8.76 2.20
C CYS B 40 16.53 -7.98 3.45
N SER B 41 16.88 -8.41 4.66
CA SER B 41 16.32 -7.73 5.87
C SER B 41 16.83 -6.29 6.06
N THR B 42 17.78 -5.81 5.27
CA THR B 42 18.16 -4.38 5.43
C THR B 42 16.97 -3.54 5.01
N PHE B 43 16.00 -4.13 4.29
CA PHE B 43 14.81 -3.35 3.88
C PHE B 43 13.98 -2.94 5.10
N ILE B 45 14.80 -1.25 7.49
CA ILE B 45 15.04 0.15 7.79
C ILE B 45 13.92 0.98 7.16
N VAL B 46 13.66 0.75 5.88
CA VAL B 46 12.65 1.55 5.14
C VAL B 46 11.24 1.05 5.47
N SER B 47 11.05 -0.27 5.61
N SER B 47 11.07 -0.27 5.61
CA SER B 47 9.67 -0.77 5.89
CA SER B 47 9.74 -0.83 5.91
C SER B 47 9.20 -0.26 7.26
C SER B 47 9.22 -0.23 7.23
N THR B 48 10.11 -0.08 8.21
CA THR B 48 9.74 0.49 9.54
C THR B 48 9.21 1.92 9.34
N LEU B 49 9.93 2.72 8.55
CA LEU B 49 9.48 4.13 8.30
C LEU B 49 8.14 4.15 7.54
N ILE B 50 7.97 3.28 6.55
CA ILE B 50 6.65 3.23 5.83
C ILE B 50 5.56 2.88 6.84
N GLY B 51 5.81 1.88 7.67
CA GLY B 51 4.79 1.48 8.66
C GLY B 51 4.41 2.62 9.58
N LEU B 52 5.39 3.36 10.06
CA LEU B 52 5.12 4.50 10.98
C LEU B 52 4.38 5.60 10.23
N GLU B 53 4.84 5.90 9.02
CA GLU B 53 4.22 6.97 8.20
C GLU B 53 2.73 6.66 7.95
N LYS B 54 2.41 5.39 7.65
CA LYS B 54 1.04 4.94 7.31
C LYS B 54 0.20 4.60 8.56
N GLY B 55 0.78 4.63 9.76
CA GLY B 55 0.02 4.36 10.99
C GLY B 55 -0.19 2.87 11.24
N VAL B 56 0.49 1.98 10.54
CA VAL B 56 0.40 0.52 10.80
C VAL B 56 1.04 0.20 12.17
N ILE B 57 2.08 0.98 12.53
CA ILE B 57 2.82 0.92 13.82
C ILE B 57 2.94 2.37 14.30
N ASN B 58 3.28 2.60 15.57
CA ASN B 58 3.32 3.99 16.09
C ASN B 58 4.47 4.22 17.07
N SER B 59 5.18 3.15 17.45
CA SER B 59 6.19 3.26 18.52
C SER B 59 7.07 2.01 18.58
N LYS B 60 8.12 2.08 19.39
CA LYS B 60 9.01 0.90 19.52
C LYS B 60 8.27 -0.26 20.19
N GLU B 61 7.16 0.00 20.90
CA GLU B 61 6.38 -1.09 21.57
C GLU B 61 5.34 -1.70 20.64
N SER B 62 5.12 -1.11 19.47
CA SER B 62 4.02 -1.56 18.56
C SER B 62 4.10 -3.05 18.25
N VAL B 63 2.94 -3.71 18.30
CA VAL B 63 2.82 -5.15 17.99
C VAL B 63 1.87 -5.34 16.81
N GLY B 65 0.29 -8.53 16.33
CA GLY B 65 -0.65 -9.61 16.58
C GLY B 65 -0.01 -10.93 16.19
N TYR B 66 0.07 -11.86 17.12
CA TYR B 66 0.76 -13.15 16.89
C TYR B 66 -0.26 -14.29 16.76
N ASP B 67 -0.17 -15.11 15.71
CA ASP B 67 -1.16 -16.19 15.50
C ASP B 67 -0.73 -17.50 16.18
N GLY B 68 0.35 -17.50 16.96
CA GLY B 68 0.76 -18.73 17.67
C GLY B 68 1.66 -19.65 16.86
N THR B 69 1.90 -19.34 15.59
CA THR B 69 2.79 -20.23 14.80
C THR B 69 4.17 -20.29 15.47
N GLU B 70 4.73 -21.48 15.64
CA GLU B 70 6.09 -21.56 16.23
C GLU B 70 7.06 -21.82 15.10
N TYR B 71 8.01 -20.90 14.94
CA TYR B 71 9.01 -20.96 13.85
C TYR B 71 10.31 -21.58 14.34
N PRO B 72 11.14 -22.10 13.41
CA PRO B 72 12.45 -22.65 13.75
C PRO B 72 13.27 -21.59 14.50
N ASN B 73 13.12 -20.30 14.13
CA ASN B 73 13.79 -19.21 14.89
C ASN B 73 12.91 -18.93 16.11
N LYS B 74 13.29 -19.44 17.28
CA LYS B 74 12.41 -19.31 18.46
C LYS B 74 12.33 -17.86 18.95
N ASN B 75 13.19 -16.97 18.43
CA ASN B 75 13.16 -15.53 18.81
C ASN B 75 11.95 -14.86 18.16
N TRP B 76 11.24 -15.58 17.29
CA TRP B 76 10.05 -15.02 16.58
C TRP B 76 8.74 -15.50 17.19
N ASN B 77 8.80 -16.36 18.22
CA ASN B 77 7.59 -17.07 18.70
C ASN B 77 6.87 -16.33 19.81
N LYS B 78 6.53 -15.08 19.55
CA LYS B 78 5.72 -14.31 20.53
C LYS B 78 5.24 -13.05 19.84
N ASN B 79 4.32 -12.34 20.49
CA ASN B 79 3.80 -11.05 19.96
C ASN B 79 4.89 -9.99 20.19
N LEU B 80 5.91 -10.00 19.34
CA LEU B 80 7.06 -9.15 19.70
C LEU B 80 6.84 -7.68 19.29
N SER B 81 7.53 -6.80 19.99
CA SER B 81 7.45 -5.35 19.74
C SER B 81 8.19 -5.02 18.44
N LEU B 82 8.03 -3.80 17.97
CA LEU B 82 8.78 -3.33 16.78
C LEU B 82 10.29 -3.45 17.07
N GLU B 83 10.70 -3.05 18.26
N GLU B 83 10.73 -3.04 18.26
CA GLU B 83 12.15 -3.08 18.59
CA GLU B 83 12.18 -3.07 18.59
C GLU B 83 12.67 -4.53 18.50
C GLU B 83 12.70 -4.52 18.55
N GLU B 84 11.93 -5.48 19.06
CA GLU B 84 12.35 -6.91 19.05
C GLU B 84 12.29 -7.43 17.61
N ALA B 85 11.25 -7.04 16.86
CA ALA B 85 11.10 -7.58 15.49
C ALA B 85 12.27 -7.10 14.61
N PHE B 86 12.67 -5.86 14.79
CA PHE B 86 13.79 -5.31 14.00
C PHE B 86 15.08 -6.02 14.38
N LYS B 87 15.32 -6.14 15.67
CA LYS B 87 16.57 -6.74 16.19
C LYS B 87 16.63 -8.23 15.87
N GLU B 88 15.48 -8.91 15.81
CA GLU B 88 15.49 -10.38 15.48
C GLU B 88 15.20 -10.61 13.99
N SER B 89 15.16 -9.55 13.17
N SER B 89 15.10 -9.52 13.22
CA SER B 89 14.86 -9.70 11.72
CA SER B 89 14.83 -9.55 11.76
C SER B 89 13.60 -10.55 11.56
C SER B 89 13.61 -10.44 11.51
N CYS B 90 12.52 -10.17 12.25
CA CYS B 90 11.30 -11.01 12.20
C CYS B 90 10.52 -10.80 10.91
N VAL B 91 10.63 -11.75 9.99
CA VAL B 91 9.98 -11.68 8.64
C VAL B 91 8.45 -11.70 8.81
N TRP B 92 7.91 -12.48 9.76
CA TRP B 92 6.42 -12.54 9.79
C TRP B 92 5.84 -11.19 10.21
N TYR B 93 6.52 -10.51 11.13
CA TYR B 93 6.06 -9.21 11.65
C TYR B 93 6.05 -8.19 10.51
N TYR B 94 7.17 -8.14 9.78
CA TYR B 94 7.33 -7.15 8.69
C TYR B 94 6.49 -7.52 7.47
N LYS B 95 6.23 -8.79 7.22
CA LYS B 95 5.30 -9.13 6.11
C LYS B 95 3.89 -8.65 6.49
N LYS B 96 3.50 -8.84 7.75
CA LYS B 96 2.14 -8.45 8.16
C LYS B 96 2.02 -6.93 8.09
N LEU B 97 3.09 -6.23 8.46
CA LEU B 97 3.14 -4.75 8.45
C LEU B 97 3.02 -4.24 7.01
N ILE B 98 3.88 -4.71 6.10
CA ILE B 98 3.85 -4.14 4.72
C ILE B 98 2.55 -4.52 3.99
N ASP B 99 1.98 -5.69 4.27
CA ASP B 99 0.71 -6.09 3.61
C ASP B 99 -0.44 -5.15 4.01
N LYS B 100 -0.29 -4.38 5.10
CA LYS B 100 -1.36 -3.45 5.52
C LYS B 100 -1.16 -2.09 4.84
N VAL B 101 -0.15 -2.00 3.96
CA VAL B 101 0.12 -0.74 3.23
C VAL B 101 -0.29 -0.97 1.77
N ASP B 102 -0.90 0.04 1.15
CA ASP B 102 -1.29 -0.03 -0.28
C ASP B 102 -0.01 -0.05 -1.13
N ALA B 103 -0.06 -0.72 -2.28
CA ALA B 103 1.12 -0.82 -3.16
C ALA B 103 1.56 0.56 -3.68
N LYS B 104 0.59 1.42 -3.99
N LYS B 104 0.61 1.44 -4.03
CA LYS B 104 0.81 2.78 -4.55
CA LYS B 104 0.98 2.77 -4.59
C LYS B 104 1.72 3.57 -3.59
C LYS B 104 1.82 3.54 -3.57
N SER B 105 1.43 3.51 -2.29
CA SER B 105 2.21 4.24 -1.25
C SER B 105 3.64 3.70 -1.21
N VAL B 106 3.80 2.38 -1.28
CA VAL B 106 5.16 1.79 -1.21
C VAL B 106 5.95 2.22 -2.46
N GLN B 107 5.32 2.12 -3.63
CA GLN B 107 5.98 2.50 -4.90
C GLN B 107 6.43 3.97 -4.85
N ASN B 108 5.54 4.87 -4.45
CA ASN B 108 5.84 6.33 -4.42
C ASN B 108 6.98 6.59 -3.42
N ILE B 109 6.92 5.96 -2.25
CA ILE B 109 8.01 6.18 -1.24
C ILE B 109 9.33 5.64 -1.77
N LEU B 110 9.34 4.43 -2.34
CA LEU B 110 10.62 3.89 -2.87
C LEU B 110 11.12 4.79 -4.02
N ASP B 111 10.22 5.21 -4.91
CA ASP B 111 10.63 6.06 -6.07
C ASP B 111 11.27 7.36 -5.56
N ASP B 112 10.68 7.97 -4.52
CA ASP B 112 11.15 9.25 -3.94
C ASP B 112 12.48 9.06 -3.17
N LEU B 113 12.69 7.87 -2.59
CA LEU B 113 13.96 7.57 -1.89
C LEU B 113 15.03 7.10 -2.89
N LYS B 114 14.67 6.89 -4.16
CA LYS B 114 15.61 6.32 -5.17
C LYS B 114 16.12 4.99 -4.60
N TYR B 115 15.18 4.14 -4.20
CA TYR B 115 15.57 2.87 -3.56
C TYR B 115 15.85 1.81 -4.63
N GLY B 116 17.03 1.88 -5.25
CA GLY B 116 17.41 0.91 -6.27
C GLY B 116 16.44 0.89 -7.43
N ASN B 117 16.10 -0.32 -7.90
CA ASN B 117 15.18 -0.47 -9.05
C ASN B 117 13.72 -0.20 -8.65
N CYS B 118 13.43 0.00 -7.36
CA CYS B 118 12.05 0.29 -6.86
C CYS B 118 11.04 -0.72 -7.43
N ASP B 119 11.47 -1.97 -7.60
CA ASP B 119 10.62 -3.00 -8.26
C ASP B 119 9.95 -3.85 -7.18
N ILE B 120 8.65 -3.61 -6.96
CA ILE B 120 7.88 -4.37 -5.95
C ILE B 120 6.90 -5.29 -6.69
N SER B 121 7.19 -5.60 -7.96
CA SER B 121 6.25 -6.41 -8.81
C SER B 121 6.00 -7.81 -8.24
N GLU B 122 6.97 -8.41 -7.54
CA GLU B 122 6.77 -9.75 -6.92
C GLU B 122 6.46 -9.51 -5.45
N TRP B 123 5.25 -8.99 -5.19
CA TRP B 123 4.90 -8.53 -3.83
C TRP B 123 5.10 -9.64 -2.78
N GLU B 124 4.59 -10.85 -3.04
CA GLU B 124 4.68 -11.98 -2.07
C GLU B 124 6.07 -12.62 -2.08
N GLY B 125 6.93 -12.21 -3.02
CA GLY B 125 8.29 -12.77 -3.07
C GLY B 125 8.42 -14.01 -3.93
N ASP B 126 9.51 -14.73 -3.72
CA ASP B 126 9.86 -15.93 -4.51
C ASP B 126 9.20 -17.17 -3.91
N LEU B 127 7.91 -17.35 -4.16
CA LEU B 127 7.16 -18.47 -3.54
C LEU B 127 7.69 -19.85 -3.99
N LYS B 128 8.60 -19.91 -4.98
CA LYS B 128 9.13 -21.23 -5.44
C LYS B 128 10.20 -21.75 -4.49
N ASN B 129 10.69 -20.93 -3.56
CA ASN B 129 11.76 -21.38 -2.63
C ASN B 129 11.17 -22.24 -1.51
N GLY B 130 9.84 -22.45 -1.50
CA GLY B 130 9.16 -23.30 -0.51
C GLY B 130 9.04 -22.68 0.88
N LYS B 131 9.40 -21.41 1.06
CA LYS B 131 9.32 -20.78 2.42
C LYS B 131 7.94 -20.15 2.64
N GLY B 132 7.03 -20.31 1.67
CA GLY B 132 5.64 -19.82 1.82
C GLY B 132 5.54 -18.36 2.21
N HIS B 133 4.86 -18.07 3.31
CA HIS B 133 4.61 -16.66 3.75
C HIS B 133 5.88 -15.97 4.28
N LEU B 134 6.99 -16.69 4.50
CA LEU B 134 8.24 -16.01 4.93
C LEU B 134 8.96 -15.60 3.65
N ASN B 135 8.35 -14.64 2.96
CA ASN B 135 8.80 -14.21 1.62
C ASN B 135 8.23 -12.82 1.37
N GLY B 136 8.82 -12.12 0.42
CA GLY B 136 8.36 -10.78 0.02
C GLY B 136 9.26 -10.21 -1.06
N PHE B 137 8.82 -9.10 -1.65
CA PHE B 137 9.57 -8.50 -2.77
C PHE B 137 10.99 -8.10 -2.35
N TRP B 138 11.23 -7.88 -1.05
CA TRP B 138 12.56 -7.43 -0.55
C TRP B 138 13.46 -8.62 -0.20
N LEU B 139 12.98 -9.86 -0.34
CA LEU B 139 13.79 -11.05 0.10
C LEU B 139 14.16 -11.91 -1.11
N GLU B 140 15.34 -11.66 -1.69
CA GLU B 140 15.83 -12.40 -2.89
C GLU B 140 14.70 -12.48 -3.91
N SER B 141 14.16 -11.32 -4.27
CA SER B 141 12.99 -11.23 -5.17
C SER B 141 13.18 -10.03 -6.10
N SER B 142 12.11 -9.29 -6.38
CA SER B 142 12.18 -8.26 -7.45
C SER B 142 12.96 -7.02 -7.05
N LEU B 143 12.91 -6.64 -5.77
CA LEU B 143 13.56 -5.36 -5.35
C LEU B 143 15.09 -5.54 -5.27
N GLN B 144 15.83 -4.61 -5.88
CA GLN B 144 17.32 -4.70 -5.84
C GLN B 144 17.88 -3.29 -5.65
N ILE B 145 18.97 -3.20 -4.89
CA ILE B 145 19.60 -1.89 -4.58
C ILE B 145 21.10 -2.11 -4.41
N SER B 146 21.91 -1.15 -4.84
CA SER B 146 23.37 -1.27 -4.68
C SER B 146 23.80 -0.78 -3.29
N PRO B 147 24.97 -1.22 -2.79
CA PRO B 147 25.51 -0.67 -1.53
C PRO B 147 25.60 0.86 -1.60
N LYS B 148 26.01 1.39 -2.75
CA LYS B 148 26.10 2.85 -2.94
C LYS B 148 24.73 3.49 -2.70
N GLU B 149 23.67 2.95 -3.33
CA GLU B 149 22.27 3.46 -3.19
C GLU B 149 21.78 3.32 -1.75
N GLN B 150 22.16 2.25 -1.04
CA GLN B 150 21.80 2.08 0.39
C GLN B 150 22.36 3.25 1.20
N VAL B 151 23.63 3.58 0.96
CA VAL B 151 24.28 4.69 1.69
C VAL B 151 23.61 6.01 1.31
N GLN B 152 23.30 6.20 0.04
CA GLN B 152 22.67 7.49 -0.36
C GLN B 152 21.28 7.59 0.28
N THR B 153 20.56 6.47 0.37
CA THR B 153 19.19 6.48 0.93
C THR B 153 19.24 6.79 2.43
N ALA B 155 21.62 8.33 4.03
CA ALA B 155 22.05 9.70 4.27
C ALA B 155 20.87 10.65 4.10
N LYS B 156 20.04 10.44 3.09
CA LYS B 156 18.86 11.31 2.82
C LYS B 156 17.89 11.20 4.03
N ILE B 157 17.66 9.99 4.50
CA ILE B 157 16.73 9.78 5.65
C ILE B 157 17.28 10.42 6.93
N PHE B 158 18.47 10.02 7.35
CA PHE B 158 18.99 10.42 8.68
C PHE B 158 19.48 11.87 8.72
N GLU B 159 19.77 12.50 7.57
CA GLU B 159 20.17 13.92 7.54
C GLU B 159 18.93 14.82 7.42
N GLY B 160 17.73 14.23 7.36
CA GLY B 160 16.45 14.98 7.33
C GLY B 160 16.06 15.53 5.97
N ASP B 161 16.47 14.87 4.88
CA ASP B 161 16.15 15.41 3.52
C ASP B 161 14.92 14.69 2.93
N THR B 162 14.24 13.80 3.67
CA THR B 162 13.04 13.12 3.12
C THR B 162 11.80 13.72 3.79
N ASN B 163 10.61 13.26 3.40
CA ASN B 163 9.32 13.71 3.97
C ASN B 163 8.95 12.87 5.21
N PHE B 164 9.77 11.88 5.59
CA PHE B 164 9.46 11.12 6.82
C PHE B 164 9.52 12.06 8.03
N LYS B 165 8.65 11.82 9.01
CA LYS B 165 8.60 12.67 10.23
C LYS B 165 9.85 12.43 11.09
N LYS B 166 10.37 13.50 11.69
CA LYS B 166 11.57 13.38 12.56
C LYS B 166 11.31 12.39 13.71
N GLU B 167 10.10 12.39 14.28
CA GLU B 167 9.79 11.45 15.41
C GLU B 167 9.92 9.99 14.92
N HIS B 168 9.57 9.72 13.67
CA HIS B 168 9.63 8.33 13.15
C HIS B 168 11.10 7.96 12.92
N ILE B 169 11.86 8.88 12.35
CA ILE B 169 13.31 8.63 12.13
C ILE B 169 13.99 8.38 13.48
N ASN B 170 13.58 9.10 14.54
CA ASN B 170 14.18 8.90 15.89
C ASN B 170 13.86 7.50 16.42
N ILE B 171 12.65 6.99 16.17
CA ILE B 171 12.28 5.60 16.59
C ILE B 171 13.24 4.65 15.90
N LEU B 172 13.47 4.85 14.59
CA LEU B 172 14.36 3.99 13.81
C LEU B 172 15.79 4.05 14.36
N ARG B 173 16.31 5.26 14.64
N ARG B 173 16.31 5.27 14.62
CA ARG B 173 17.68 5.40 15.20
CA ARG B 173 17.68 5.39 15.22
C ARG B 173 17.81 4.57 16.48
C ARG B 173 17.79 4.54 16.47
N ASP B 174 16.80 4.64 17.37
CA ASP B 174 16.82 3.91 18.67
C ASP B 174 16.88 2.39 18.44
N ILE B 175 16.03 1.85 17.57
CA ILE B 175 16.03 0.36 17.38
C ILE B 175 17.24 -0.11 16.57
N LYS B 177 20.35 1.09 17.07
CA LYS B 177 21.54 1.22 17.92
C LYS B 177 22.17 -0.15 18.20
N ILE B 178 23.48 -0.28 18.01
CA ILE B 178 24.15 -1.57 18.34
C ILE B 178 25.18 -1.31 19.44
N ASP B 179 25.36 -2.27 20.33
CA ASP B 179 26.34 -2.13 21.44
C ASP B 179 27.70 -2.60 20.94
N VAL B 180 28.67 -1.68 20.92
CA VAL B 180 30.09 -1.99 20.59
C VAL B 180 30.89 -1.69 21.86
N ASN B 181 32.13 -2.15 21.96
CA ASN B 181 32.91 -1.91 23.20
C ASN B 181 33.19 -0.41 23.37
N ASP B 182 33.75 0.24 22.34
CA ASP B 182 34.08 1.69 22.42
C ASP B 182 32.84 2.50 22.84
N LYS B 183 32.98 3.29 23.90
CA LYS B 183 31.91 4.17 24.45
C LYS B 183 32.01 5.54 23.77
N ASN B 184 33.01 5.74 22.92
CA ASN B 184 33.26 7.03 22.21
C ASN B 184 32.64 7.01 20.81
N ILE B 185 31.94 5.93 20.44
CA ILE B 185 31.32 5.84 19.09
C ILE B 185 29.92 5.26 19.20
N ASN B 186 28.97 5.92 18.55
CA ASN B 186 27.57 5.44 18.44
C ASN B 186 27.46 4.76 17.08
N VAL B 187 27.20 3.45 17.07
CA VAL B 187 27.05 2.69 15.80
C VAL B 187 25.59 2.26 15.70
N TYR B 188 25.04 2.34 14.49
CA TYR B 188 23.65 1.96 14.20
C TYR B 188 23.67 1.10 12.96
N GLY B 189 22.81 0.09 12.87
CA GLY B 189 22.86 -0.70 11.64
C GLY B 189 21.80 -1.77 11.57
N LYS B 190 21.77 -2.46 10.45
CA LYS B 190 20.81 -3.57 10.23
C LYS B 190 21.49 -4.60 9.35
N THR B 191 21.40 -5.87 9.74
CA THR B 191 21.95 -6.98 8.95
C THR B 191 20.95 -7.43 7.88
N GLY B 192 21.47 -8.10 6.86
CA GLY B 192 20.65 -8.71 5.80
C GLY B 192 21.29 -10.03 5.41
N THR B 193 20.49 -11.07 5.21
CA THR B 193 21.06 -12.40 4.86
C THR B 193 20.18 -13.02 3.78
N GLY B 194 20.78 -13.31 2.65
CA GLY B 194 20.06 -13.99 1.56
C GLY B 194 21.00 -14.88 0.81
N PHE B 195 20.48 -15.89 0.15
CA PHE B 195 21.34 -16.73 -0.72
C PHE B 195 20.67 -16.78 -2.09
N ASP B 196 21.42 -16.39 -3.13
CA ASP B 196 20.92 -16.44 -4.52
C ASP B 196 21.20 -17.85 -5.01
N GLU B 197 20.17 -18.70 -4.95
CA GLU B 197 20.27 -20.14 -5.31
C GLU B 197 20.65 -20.26 -6.79
N LYS B 198 20.14 -19.35 -7.61
CA LYS B 198 20.38 -19.32 -9.08
C LYS B 198 21.88 -19.12 -9.37
N ASN B 199 22.48 -18.09 -8.75
CA ASN B 199 23.90 -17.73 -8.98
C ASN B 199 24.83 -18.35 -7.93
N LYS B 200 24.29 -19.07 -6.95
CA LYS B 200 25.12 -19.69 -5.87
C LYS B 200 26.02 -18.62 -5.24
N ARG B 201 25.42 -17.51 -4.84
CA ARG B 201 26.14 -16.38 -4.19
C ARG B 201 25.29 -15.84 -3.04
N VAL B 202 25.92 -15.49 -1.92
CA VAL B 202 25.15 -14.91 -0.79
C VAL B 202 24.93 -13.42 -1.09
N ASP B 203 23.96 -12.87 -0.39
CA ASP B 203 23.70 -11.42 -0.29
C ASP B 203 23.74 -11.17 1.20
N ALA B 204 24.94 -10.93 1.72
CA ALA B 204 25.18 -10.69 3.15
C ALA B 204 25.48 -9.20 3.32
N TRP B 205 24.66 -8.56 4.16
CA TRP B 205 24.74 -7.08 4.31
C TRP B 205 24.89 -6.66 5.77
N PHE B 206 25.52 -5.49 5.93
CA PHE B 206 25.44 -4.70 7.19
C PHE B 206 25.47 -3.25 6.73
N VAL B 207 24.34 -2.57 6.94
N VAL B 207 24.34 -2.56 6.90
CA VAL B 207 24.11 -1.16 6.50
CA VAL B 207 24.22 -1.13 6.47
C VAL B 207 23.87 -0.30 7.73
C VAL B 207 23.88 -0.30 7.70
N GLY B 208 24.43 0.92 7.78
CA GLY B 208 24.15 1.73 8.96
C GLY B 208 24.97 3.01 8.99
N LEU B 210 27.83 5.51 11.64
CA LEU B 210 28.73 5.74 12.74
C LEU B 210 28.66 7.23 13.09
N GLU B 211 28.50 7.55 14.37
CA GLU B 211 28.45 8.97 14.81
C GLU B 211 29.58 9.23 15.81
N ARG B 212 30.26 10.37 15.63
CA ARG B 212 31.34 10.82 16.55
C ARG B 212 31.41 12.34 16.41
N GLU B 213 31.54 13.07 17.53
CA GLU B 213 31.47 14.55 17.54
C GLU B 213 30.35 14.98 16.59
N GLY B 214 30.61 15.88 15.63
CA GLY B 214 29.55 16.32 14.71
C GLY B 214 29.46 15.53 13.42
N ASP B 215 30.53 14.81 13.03
CA ASP B 215 30.50 14.10 11.72
C ASP B 215 29.80 12.74 11.82
N THR B 216 29.19 12.35 10.71
CA THR B 216 28.52 11.03 10.64
C THR B 216 29.02 10.33 9.39
N TYR B 217 29.25 9.02 9.52
CA TYR B 217 29.59 8.18 8.35
C TYR B 217 28.41 7.25 8.09
N TYR B 218 27.93 7.25 6.85
CA TYR B 218 26.90 6.27 6.43
C TYR B 218 27.69 5.18 5.70
N PHE B 219 27.35 3.91 5.94
CA PHE B 219 28.18 2.84 5.35
C PHE B 219 27.33 1.64 4.97
N ALA B 220 27.87 0.87 4.05
CA ALA B 220 27.27 -0.40 3.61
C ALA B 220 28.42 -1.38 3.34
N ILE B 221 28.36 -2.51 4.03
CA ILE B 221 29.32 -3.63 3.86
C ILE B 221 28.50 -4.72 3.16
N LYS B 222 29.04 -5.30 2.10
CA LYS B 222 28.29 -6.33 1.35
C LYS B 222 29.23 -7.46 0.94
N SER B 223 28.77 -8.69 1.12
CA SER B 223 29.51 -9.88 0.61
C SER B 223 28.66 -10.53 -0.48
N ASP B 224 29.32 -11.08 -1.50
CA ASP B 224 28.71 -11.84 -2.61
C ASP B 224 29.40 -13.20 -2.68
N ASP B 225 30.03 -13.60 -1.57
CA ASP B 225 30.83 -14.86 -1.52
C ASP B 225 29.96 -16.08 -1.86
N SER B 226 30.57 -17.12 -2.43
CA SER B 226 29.88 -18.38 -2.80
C SER B 226 29.58 -19.23 -1.55
N ASN B 227 30.25 -18.95 -0.44
CA ASN B 227 30.08 -19.72 0.82
C ASN B 227 28.78 -19.29 1.54
N LYS B 228 27.79 -20.19 1.62
CA LYS B 228 26.47 -19.92 2.29
C LYS B 228 26.65 -19.48 3.75
N GLU B 229 27.73 -19.89 4.40
CA GLU B 229 27.99 -19.58 5.83
C GLU B 229 28.27 -18.07 6.01
N ILE B 230 28.46 -17.33 4.91
CA ILE B 230 28.71 -15.87 5.01
C ILE B 230 27.33 -15.19 5.11
N THR B 231 26.94 -14.79 6.33
CA THR B 231 25.60 -14.18 6.58
C THR B 231 25.74 -12.71 6.99
N GLY B 232 24.59 -12.05 7.19
CA GLY B 232 24.56 -10.64 7.65
C GLY B 232 25.41 -10.47 8.91
N PRO B 233 25.20 -11.32 9.95
CA PRO B 233 26.01 -11.23 11.18
C PRO B 233 27.53 -11.30 10.93
N LYS B 234 27.97 -12.13 9.99
CA LYS B 234 29.42 -12.24 9.66
C LYS B 234 29.90 -10.92 9.03
N VAL B 235 29.09 -10.34 8.14
CA VAL B 235 29.45 -9.05 7.49
C VAL B 235 29.42 -7.93 8.55
N LYS B 236 28.52 -8.03 9.53
CA LYS B 236 28.51 -7.04 10.65
C LYS B 236 29.85 -7.08 11.39
N GLU B 237 30.36 -8.29 11.66
CA GLU B 237 31.67 -8.49 12.33
C GLU B 237 32.74 -7.75 11.50
N ILE B 238 32.71 -7.93 10.17
CA ILE B 238 33.68 -7.24 9.26
C ILE B 238 33.51 -5.72 9.42
N ALA B 239 32.27 -5.23 9.41
CA ALA B 239 32.01 -3.78 9.54
C ALA B 239 32.57 -3.25 10.85
N ILE B 240 32.33 -3.97 11.95
CA ILE B 240 32.82 -3.52 13.28
C ILE B 240 34.35 -3.51 13.27
N ASN B 241 34.99 -4.50 12.63
CA ASN B 241 36.47 -4.57 12.54
C ASN B 241 36.98 -3.35 11.75
N ILE B 242 36.28 -2.95 10.68
CA ILE B 242 36.67 -1.74 9.89
C ILE B 242 36.52 -0.50 10.78
N ILE B 243 35.42 -0.39 11.52
CA ILE B 243 35.21 0.81 12.40
C ILE B 243 36.29 0.83 13.50
N LYS B 244 36.68 -0.33 14.03
CA LYS B 244 37.71 -0.38 15.11
C LYS B 244 39.09 -0.02 14.56
N LYS B 245 39.39 -0.44 13.33
CA LYS B 245 40.74 -0.28 12.72
C LYS B 245 40.89 1.08 12.02
N TYR B 246 39.80 1.78 11.68
CA TYR B 246 39.96 3.05 10.93
C TYR B 246 39.13 4.21 11.48
N TYR B 247 38.06 3.96 12.26
CA TYR B 247 37.22 5.11 12.69
C TYR B 247 37.11 5.21 14.21
N SER B 248 38.05 4.64 14.98
CA SER B 248 37.97 4.73 16.46
C SER B 248 39.38 4.75 17.07
N VAL B 249 39.46 4.77 18.41
CA VAL B 249 40.76 4.88 19.13
C VAL B 249 40.89 3.76 20.18
N ARG B 250 42.13 3.45 20.58
CA ARG B 250 42.43 2.43 21.64
C ARG B 250 42.34 3.10 23.01
N VAL C 2 -32.07 -12.33 48.29
CA VAL C 2 -30.89 -12.68 49.14
C VAL C 2 -30.38 -11.41 49.83
N ASP C 3 -29.58 -11.57 50.89
CA ASP C 3 -29.07 -10.41 51.68
C ASP C 3 -27.54 -10.47 51.80
N TYR C 4 -26.84 -9.44 51.32
CA TYR C 4 -25.36 -9.36 51.39
C TYR C 4 -24.93 -8.10 52.15
N SER C 5 -25.86 -7.53 52.93
CA SER C 5 -25.60 -6.29 53.69
C SER C 5 -24.33 -6.38 54.56
N ASP C 6 -24.03 -7.57 55.09
CA ASP C 6 -22.85 -7.76 55.98
C ASP C 6 -21.54 -7.36 55.28
N CYS C 7 -21.42 -7.66 53.98
CA CYS C 7 -20.18 -7.39 53.20
C CYS C 7 -20.07 -5.91 52.82
N PHE C 8 -21.21 -5.21 52.76
CA PHE C 8 -21.21 -3.78 52.37
C PHE C 8 -20.75 -2.88 53.52
N GLU C 9 -20.76 -3.38 54.77
CA GLU C 9 -20.29 -2.56 55.92
C GLU C 9 -21.05 -1.23 55.97
N GLY C 10 -22.38 -1.27 55.89
CA GLY C 10 -23.19 -0.04 55.96
C GLY C 10 -23.15 0.78 54.67
N ILE C 11 -22.14 0.61 53.82
CA ILE C 11 -22.05 1.38 52.53
C ILE C 11 -23.28 1.07 51.67
N SER C 12 -23.96 2.12 51.19
CA SER C 12 -25.17 1.98 50.35
C SER C 12 -24.81 1.36 48.99
N GLY C 13 -25.56 0.33 48.59
CA GLY C 13 -25.32 -0.34 47.32
C GLY C 13 -26.21 -1.56 47.15
N GLY C 14 -25.94 -2.34 46.11
CA GLY C 14 -26.69 -3.56 45.78
C GLY C 14 -25.81 -4.50 45.00
N ALA C 15 -26.29 -5.72 44.76
CA ALA C 15 -25.49 -6.71 44.01
C ALA C 15 -26.42 -7.66 43.26
N ILE C 16 -25.93 -8.21 42.16
CA ILE C 16 -26.71 -9.17 41.33
C ILE C 16 -25.75 -10.19 40.71
N PHE C 17 -26.04 -11.46 40.96
CA PHE C 17 -25.32 -12.63 40.42
C PHE C 17 -26.31 -13.36 39.51
N TYR C 18 -25.86 -13.79 38.34
CA TYR C 18 -26.76 -14.43 37.36
C TYR C 18 -26.12 -15.71 36.85
N ASN C 19 -26.89 -16.81 36.92
CA ASN C 19 -26.45 -18.14 36.43
C ASN C 19 -27.27 -18.43 35.17
N THR C 20 -26.60 -18.49 34.01
CA THR C 20 -27.27 -18.75 32.71
C THR C 20 -27.79 -20.19 32.61
N LYS C 21 -27.10 -21.14 33.23
CA LYS C 21 -27.50 -22.58 33.13
C LYS C 21 -28.85 -22.84 33.81
N ASN C 22 -29.22 -22.07 34.84
CA ASN C 22 -30.54 -22.29 35.52
C ASN C 22 -31.35 -20.99 35.50
N LYS C 23 -30.91 -20.00 34.71
CA LYS C 23 -31.62 -18.70 34.52
C LYS C 23 -31.99 -18.06 35.86
N GLU C 24 -31.18 -18.28 36.90
N GLU C 24 -31.20 -18.28 36.92
CA GLU C 24 -31.48 -17.76 38.26
CA GLU C 24 -31.57 -17.72 38.23
C GLU C 24 -30.67 -16.49 38.57
C GLU C 24 -30.71 -16.50 38.57
N TYR C 25 -31.34 -15.52 39.22
CA TYR C 25 -30.70 -14.26 39.65
C TYR C 25 -30.65 -14.23 41.19
N ASN C 26 -29.49 -13.87 41.75
CA ASN C 26 -29.36 -13.64 43.21
C ASN C 26 -29.29 -12.12 43.36
N ILE C 27 -30.37 -11.51 43.84
CA ILE C 27 -30.48 -10.02 43.88
C ILE C 27 -30.49 -9.46 45.30
N TYR C 28 -29.56 -8.54 45.59
CA TYR C 28 -29.53 -7.77 46.86
C TYR C 28 -29.79 -6.30 46.51
N ASN C 29 -30.93 -5.77 46.95
CA ASN C 29 -31.42 -4.37 46.68
C ASN C 29 -31.93 -4.33 45.23
N LYS C 30 -33.13 -4.87 45.01
CA LYS C 30 -33.72 -4.97 43.64
C LYS C 30 -33.83 -3.58 42.98
N GLU C 31 -34.40 -2.59 43.67
CA GLU C 31 -34.58 -1.26 43.05
C GLU C 31 -33.23 -0.70 42.55
N LEU C 32 -32.18 -0.81 43.35
CA LEU C 32 -30.85 -0.27 42.95
C LEU C 32 -30.29 -1.08 41.77
N ILE C 33 -30.43 -2.40 41.74
CA ILE C 33 -29.82 -3.14 40.60
C ILE C 33 -30.65 -2.96 39.32
N GLU C 34 -31.85 -2.38 39.40
CA GLU C 34 -32.66 -2.15 38.17
C GLU C 34 -32.55 -0.68 37.76
N THR C 35 -31.75 0.11 38.49
CA THR C 35 -31.63 1.57 38.22
C THR C 35 -30.46 1.82 37.25
N ARG C 36 -30.73 2.51 36.12
CA ARG C 36 -29.65 2.79 35.15
C ARG C 36 -28.75 3.90 35.68
N ARG C 37 -27.43 3.72 35.51
CA ARG C 37 -26.43 4.72 35.94
C ARG C 37 -25.32 4.72 34.91
N SER C 38 -24.50 5.76 34.91
CA SER C 38 -23.32 5.79 34.03
C SER C 38 -22.48 4.55 34.32
N PRO C 39 -21.98 3.83 33.29
CA PRO C 39 -21.13 2.65 33.55
C PRO C 39 -19.71 3.06 33.97
N CYS C 40 -19.33 4.32 33.73
CA CYS C 40 -17.95 4.79 34.03
C CYS C 40 -16.94 3.80 33.40
N SER C 41 -15.83 3.51 34.07
CA SER C 41 -14.79 2.64 33.45
C SER C 41 -15.26 1.19 33.18
N THR C 42 -16.42 0.76 33.69
CA THR C 42 -16.86 -0.61 33.33
C THR C 42 -17.14 -0.70 31.83
N PHE C 43 -17.34 0.44 31.17
CA PHE C 43 -17.56 0.45 29.70
C PHE C 43 -16.33 -0.08 28.97
N ILE C 45 -15.01 -2.79 29.20
CA ILE C 45 -15.24 -4.16 28.81
C ILE C 45 -15.73 -4.12 27.35
N VAL C 46 -16.66 -3.24 27.06
CA VAL C 46 -17.22 -3.18 25.68
C VAL C 46 -16.29 -2.40 24.74
N SER C 47 -15.67 -1.31 25.17
CA SER C 47 -14.80 -0.54 24.23
C SER C 47 -13.62 -1.42 23.80
N THR C 48 -13.16 -2.31 24.68
CA THR C 48 -12.06 -3.22 24.31
C THR C 48 -12.50 -4.09 23.12
N LEU C 49 -13.68 -4.70 23.20
CA LEU C 49 -14.19 -5.55 22.09
C LEU C 49 -14.41 -4.71 20.83
N ILE C 50 -14.91 -3.49 20.97
CA ILE C 50 -15.12 -2.62 19.77
C ILE C 50 -13.75 -2.35 19.13
N GLY C 51 -12.76 -1.98 19.94
CA GLY C 51 -11.42 -1.71 19.41
C GLY C 51 -10.85 -2.92 18.68
N LEU C 52 -10.98 -4.12 19.26
CA LEU C 52 -10.48 -5.35 18.59
C LEU C 52 -11.25 -5.58 17.29
N GLU C 53 -12.59 -5.49 17.32
CA GLU C 53 -13.40 -5.73 16.10
C GLU C 53 -12.99 -4.78 14.98
N LYS C 54 -12.74 -3.51 15.30
CA LYS C 54 -12.39 -2.49 14.28
C LYS C 54 -10.89 -2.45 13.97
N GLY C 55 -10.07 -3.27 14.61
CA GLY C 55 -8.62 -3.32 14.28
C GLY C 55 -7.83 -2.16 14.87
N VAL C 56 -8.42 -1.42 15.81
CA VAL C 56 -7.68 -0.31 16.47
C VAL C 56 -6.61 -0.91 17.41
N ILE C 57 -6.93 -2.06 17.99
CA ILE C 57 -6.01 -2.85 18.85
C ILE C 57 -6.06 -4.30 18.33
N ASN C 58 -5.14 -5.16 18.74
CA ASN C 58 -5.12 -6.54 18.18
C ASN C 58 -4.71 -7.57 19.25
N SER C 59 -4.32 -7.12 20.44
CA SER C 59 -3.76 -8.04 21.46
C SER C 59 -3.62 -7.36 22.82
N LYS C 60 -3.31 -8.16 23.85
CA LYS C 60 -3.14 -7.59 25.20
C LYS C 60 -1.91 -6.68 25.25
N GLU C 61 -1.00 -6.80 24.26
CA GLU C 61 0.23 -5.96 24.22
C GLU C 61 0.00 -4.66 23.44
N SER C 62 -1.13 -4.52 22.76
CA SER C 62 -1.39 -3.36 21.87
C SER C 62 -1.16 -2.01 22.57
N VAL C 63 -0.48 -1.09 21.87
CA VAL C 63 -0.21 0.26 22.40
C VAL C 63 -0.90 1.27 21.49
N GLY C 65 0.17 4.72 21.48
CA GLY C 65 1.04 5.86 21.24
C GLY C 65 0.88 6.90 22.34
N TYR C 66 1.96 7.21 23.06
CA TYR C 66 1.92 8.14 24.21
C TYR C 66 2.51 9.51 23.83
N ASP C 67 1.84 10.60 24.20
CA ASP C 67 2.29 11.96 23.79
C ASP C 67 3.05 12.73 24.88
N GLY C 68 3.41 12.10 26.02
CA GLY C 68 4.19 12.79 27.06
C GLY C 68 3.33 13.51 28.09
N THR C 69 2.01 13.52 27.93
CA THR C 69 1.12 14.16 28.94
C THR C 69 1.30 13.45 30.28
N GLU C 70 1.41 14.22 31.37
CA GLU C 70 1.55 13.63 32.74
C GLU C 70 0.17 13.59 33.38
N TYR C 71 -0.11 12.54 34.15
CA TYR C 71 -1.43 12.35 34.79
C TYR C 71 -1.27 12.05 36.27
N PRO C 72 -2.32 12.33 37.10
CA PRO C 72 -2.25 12.05 38.53
C PRO C 72 -1.84 10.59 38.73
N ASN C 73 -2.46 9.67 37.97
CA ASN C 73 -2.08 8.23 38.06
C ASN C 73 -0.83 8.07 37.19
N LYS C 74 0.31 7.80 37.84
CA LYS C 74 1.65 7.73 37.17
C LYS C 74 1.77 6.53 36.23
N ASN C 75 0.96 5.49 36.44
CA ASN C 75 0.99 4.28 35.56
C ASN C 75 0.40 4.63 34.18
N TRP C 76 -0.17 5.82 34.01
CA TRP C 76 -0.70 6.31 32.71
C TRP C 76 0.39 7.07 31.93
N ASN C 77 1.52 7.37 32.56
CA ASN C 77 2.56 8.25 31.95
C ASN C 77 3.56 7.45 31.12
N LYS C 78 3.06 6.59 30.24
CA LYS C 78 3.94 5.81 29.35
C LYS C 78 3.09 5.18 28.24
N ASN C 79 3.76 4.55 27.28
CA ASN C 79 3.05 3.89 26.14
C ASN C 79 2.59 2.54 26.67
N LEU C 80 1.56 2.54 27.52
CA LEU C 80 1.15 1.29 28.22
C LEU C 80 0.34 0.39 27.30
N SER C 81 0.35 -0.90 27.64
CA SER C 81 -0.34 -1.94 26.85
C SER C 81 -1.85 -1.90 27.11
N LEU C 82 -2.61 -2.62 26.29
CA LEU C 82 -4.05 -2.81 26.53
C LEU C 82 -4.29 -3.38 27.93
N GLU C 83 -3.54 -4.42 28.31
N GLU C 83 -3.53 -4.42 28.27
CA GLU C 83 -3.75 -5.07 29.63
CA GLU C 83 -3.65 -5.08 29.59
C GLU C 83 -3.49 -4.05 30.76
C GLU C 83 -3.51 -4.03 30.70
N GLU C 84 -2.46 -3.22 30.65
CA GLU C 84 -2.18 -2.20 31.69
C GLU C 84 -3.24 -1.09 31.65
N ALA C 85 -3.64 -0.67 30.45
CA ALA C 85 -4.64 0.43 30.33
C ALA C 85 -5.98 0.00 30.93
N PHE C 86 -6.33 -1.28 30.76
CA PHE C 86 -7.58 -1.85 31.29
C PHE C 86 -7.49 -1.91 32.83
N LYS C 87 -6.38 -2.43 33.34
CA LYS C 87 -6.22 -2.60 34.81
C LYS C 87 -6.09 -1.25 35.51
N GLU C 88 -5.59 -0.23 34.80
CA GLU C 88 -5.36 1.11 35.42
C GLU C 88 -6.51 2.06 35.05
N SER C 89 -7.54 1.56 34.37
CA SER C 89 -8.67 2.40 33.89
C SER C 89 -8.11 3.62 33.17
N CYS C 90 -7.14 3.41 32.28
CA CYS C 90 -6.47 4.55 31.60
C CYS C 90 -7.42 5.20 30.58
N VAL C 91 -7.93 6.37 30.95
CA VAL C 91 -8.93 7.08 30.10
C VAL C 91 -8.30 7.58 28.80
N TRP C 92 -7.06 8.09 28.84
CA TRP C 92 -6.49 8.62 27.57
C TRP C 92 -6.37 7.50 26.55
N TYR C 93 -5.99 6.30 27.00
CA TYR C 93 -5.78 5.17 26.06
C TYR C 93 -7.13 4.83 25.40
N TYR C 94 -8.19 4.76 26.19
CA TYR C 94 -9.51 4.34 25.66
C TYR C 94 -10.19 5.46 24.88
N LYS C 95 -9.90 6.71 25.21
CA LYS C 95 -10.50 7.83 24.46
C LYS C 95 -9.85 7.82 23.07
N LYS C 96 -8.55 7.54 23.01
CA LYS C 96 -7.85 7.55 21.71
C LYS C 96 -8.37 6.37 20.87
N LEU C 97 -8.64 5.26 21.54
CA LEU C 97 -9.18 4.05 20.86
C LEU C 97 -10.59 4.35 20.30
N ILE C 98 -11.48 4.89 21.13
CA ILE C 98 -12.89 5.06 20.66
C ILE C 98 -12.97 6.19 19.62
N ASP C 99 -12.04 7.15 19.66
CA ASP C 99 -12.06 8.24 18.65
C ASP C 99 -11.65 7.70 17.28
N LYS C 100 -11.13 6.47 17.20
CA LYS C 100 -10.78 5.90 15.86
C LYS C 100 -11.97 5.08 15.34
N VAL C 101 -13.08 5.09 16.06
CA VAL C 101 -14.27 4.29 15.64
C VAL C 101 -15.42 5.25 15.36
N ASP C 102 -16.19 5.00 14.30
CA ASP C 102 -17.30 5.91 13.92
C ASP C 102 -18.43 5.79 14.95
N ALA C 103 -19.03 6.91 15.31
CA ALA C 103 -20.18 6.87 16.24
C ALA C 103 -21.26 5.93 15.68
N LYS C 104 -21.47 5.89 14.38
CA LYS C 104 -22.57 5.05 13.84
C LYS C 104 -22.28 3.55 14.11
N SER C 105 -21.00 3.15 14.08
CA SER C 105 -20.63 1.73 14.37
C SER C 105 -20.83 1.45 15.86
N VAL C 106 -20.42 2.37 16.72
CA VAL C 106 -20.65 2.16 18.16
C VAL C 106 -22.16 2.06 18.42
N GLN C 107 -22.94 2.93 17.78
CA GLN C 107 -24.40 2.91 18.01
C GLN C 107 -24.96 1.52 17.68
N ASN C 108 -24.58 0.98 16.53
CA ASN C 108 -25.12 -0.34 16.05
C ASN C 108 -24.70 -1.45 17.01
N ILE C 109 -23.45 -1.40 17.48
CA ILE C 109 -22.93 -2.45 18.40
C ILE C 109 -23.65 -2.37 19.74
N LEU C 110 -23.85 -1.17 20.29
CA LEU C 110 -24.53 -1.05 21.62
C LEU C 110 -25.98 -1.49 21.47
N ASP C 111 -26.64 -1.12 20.38
CA ASP C 111 -28.06 -1.52 20.14
C ASP C 111 -28.16 -3.04 20.07
N ASP C 112 -27.25 -3.69 19.35
CA ASP C 112 -27.30 -5.17 19.22
C ASP C 112 -27.00 -5.82 20.60
N LEU C 113 -26.16 -5.20 21.43
CA LEU C 113 -25.85 -5.71 22.80
C LEU C 113 -26.94 -5.34 23.79
N LYS C 114 -27.90 -4.51 23.39
CA LYS C 114 -28.93 -3.94 24.30
C LYS C 114 -28.20 -3.36 25.51
N TYR C 115 -27.20 -2.52 25.24
CA TYR C 115 -26.38 -1.91 26.31
C TYR C 115 -27.13 -0.72 26.96
N GLY C 116 -28.08 -1.03 27.85
CA GLY C 116 -28.84 0.03 28.55
C GLY C 116 -29.53 0.97 27.58
N ASN C 117 -29.42 2.29 27.81
CA ASN C 117 -30.12 3.27 26.93
C ASN C 117 -29.40 3.44 25.59
N CYS C 118 -28.21 2.85 25.42
CA CYS C 118 -27.48 2.98 24.14
C CYS C 118 -27.37 4.45 23.72
N ASP C 119 -27.33 5.37 24.69
CA ASP C 119 -27.30 6.81 24.38
C ASP C 119 -25.87 7.35 24.35
N ILE C 120 -25.33 7.54 23.15
CA ILE C 120 -23.96 8.05 22.95
C ILE C 120 -24.05 9.49 22.41
N SER C 121 -25.20 10.14 22.60
CA SER C 121 -25.42 11.53 22.09
C SER C 121 -24.35 12.49 22.59
N GLU C 122 -23.92 12.37 23.85
CA GLU C 122 -22.86 13.28 24.37
C GLU C 122 -21.53 12.57 24.17
N TRP C 123 -21.13 12.44 22.91
CA TRP C 123 -19.93 11.64 22.55
C TRP C 123 -18.70 12.09 23.35
N GLU C 124 -18.50 13.40 23.49
CA GLU C 124 -17.29 13.94 24.17
C GLU C 124 -17.48 13.98 25.69
N GLY C 125 -18.68 13.64 26.17
CA GLY C 125 -18.93 13.58 27.61
C GLY C 125 -19.52 14.88 28.17
N ASP C 126 -19.59 14.94 29.50
CA ASP C 126 -20.14 16.09 30.24
C ASP C 126 -19.00 17.09 30.44
N LEU C 127 -18.72 17.87 29.41
CA LEU C 127 -17.59 18.85 29.43
C LEU C 127 -17.80 19.91 30.53
N LYS C 128 -19.04 20.09 31.02
CA LYS C 128 -19.35 21.07 32.11
C LYS C 128 -18.61 20.72 33.40
N ASN C 129 -18.12 19.48 33.54
CA ASN C 129 -17.42 19.06 34.79
C ASN C 129 -16.01 19.66 34.86
N GLY C 130 -15.55 20.36 33.80
CA GLY C 130 -14.22 21.00 33.77
C GLY C 130 -13.05 20.02 33.77
N LYS C 131 -13.29 18.74 33.45
CA LYS C 131 -12.20 17.72 33.42
C LYS C 131 -11.56 17.64 32.02
N GLY C 132 -12.02 18.44 31.06
CA GLY C 132 -11.41 18.49 29.73
C GLY C 132 -11.52 17.19 28.93
N HIS C 133 -10.40 16.74 28.36
CA HIS C 133 -10.34 15.53 27.47
C HIS C 133 -10.50 14.22 28.25
N LEU C 134 -10.45 14.26 29.58
CA LEU C 134 -10.69 13.03 30.38
C LEU C 134 -12.21 12.94 30.60
N ASN C 135 -12.92 12.88 29.48
CA ASN C 135 -14.41 12.82 29.44
C ASN C 135 -14.87 11.97 28.25
N GLY C 136 -16.12 11.51 28.31
CA GLY C 136 -16.70 10.71 27.23
C GLY C 136 -18.13 10.34 27.56
N PHE C 137 -18.86 9.83 26.57
CA PHE C 137 -20.29 9.46 26.75
C PHE C 137 -20.44 8.43 27.88
N TRP C 138 -19.40 7.64 28.18
CA TRP C 138 -19.51 6.54 29.19
C TRP C 138 -19.10 7.00 30.60
N LEU C 139 -18.70 8.26 30.77
CA LEU C 139 -18.20 8.78 32.06
C LEU C 139 -19.14 9.85 32.60
N GLU C 140 -20.09 9.44 33.45
CA GLU C 140 -21.10 10.35 34.06
C GLU C 140 -21.68 11.24 32.96
N SER C 141 -22.13 10.62 31.87
CA SER C 141 -22.66 11.37 30.71
C SER C 141 -23.95 10.71 30.20
N SER C 142 -24.15 10.68 28.89
CA SER C 142 -25.46 10.24 28.32
C SER C 142 -25.72 8.74 28.48
N LEU C 143 -24.69 7.90 28.42
CA LEU C 143 -24.87 6.44 28.42
C LEU C 143 -25.17 5.96 29.83
N GLN C 144 -26.25 5.19 29.98
CA GLN C 144 -26.65 4.66 31.30
C GLN C 144 -27.09 3.20 31.15
N ILE C 145 -26.76 2.39 32.14
CA ILE C 145 -27.08 0.95 32.11
C ILE C 145 -27.29 0.51 33.56
N SER C 146 -28.17 -0.46 33.77
CA SER C 146 -28.43 -0.95 35.14
C SER C 146 -27.48 -2.10 35.44
N PRO C 147 -27.21 -2.37 36.74
CA PRO C 147 -26.43 -3.53 37.13
C PRO C 147 -26.99 -4.82 36.47
N LYS C 148 -28.32 -4.99 36.45
CA LYS C 148 -28.92 -6.20 35.84
C LYS C 148 -28.60 -6.22 34.34
N GLU C 149 -28.70 -5.06 33.67
CA GLU C 149 -28.40 -5.02 32.22
C GLU C 149 -26.91 -5.35 32.03
N GLN C 150 -26.07 -4.94 32.96
CA GLN C 150 -24.62 -5.24 32.85
C GLN C 150 -24.44 -6.76 32.86
N VAL C 151 -25.14 -7.46 33.74
CA VAL C 151 -24.94 -8.94 33.81
C VAL C 151 -25.58 -9.60 32.59
N GLN C 152 -26.67 -9.05 32.06
CA GLN C 152 -27.28 -9.65 30.84
C GLN C 152 -26.31 -9.44 29.66
N THR C 153 -25.63 -8.30 29.61
CA THR C 153 -24.66 -8.04 28.51
C THR C 153 -23.44 -8.98 28.64
N ALA C 155 -23.30 -11.87 30.03
CA ALA C 155 -23.73 -13.22 29.70
C ALA C 155 -23.78 -13.40 28.17
N LYS C 156 -24.32 -12.42 27.44
N LYS C 156 -24.29 -12.41 27.44
CA LYS C 156 -24.37 -12.49 25.95
CA LYS C 156 -24.41 -12.50 25.96
C LYS C 156 -22.95 -12.66 25.40
C LYS C 156 -22.99 -12.60 25.36
N ILE C 157 -22.05 -11.77 25.83
CA ILE C 157 -20.65 -11.76 25.32
C ILE C 157 -19.96 -13.10 25.62
N PHE C 158 -19.89 -13.48 26.89
CA PHE C 158 -19.05 -14.65 27.28
C PHE C 158 -19.74 -16.00 26.99
N GLU C 159 -21.01 -16.02 26.61
CA GLU C 159 -21.65 -17.31 26.25
C GLU C 159 -21.66 -17.49 24.72
N GLY C 160 -21.10 -16.53 23.97
CA GLY C 160 -20.99 -16.61 22.49
C GLY C 160 -22.23 -16.14 21.75
N ASP C 161 -23.11 -15.35 22.37
CA ASP C 161 -24.36 -14.94 21.68
C ASP C 161 -24.21 -13.62 20.91
N THR C 162 -23.04 -12.97 20.90
CA THR C 162 -22.87 -11.67 20.18
C THR C 162 -22.14 -11.88 18.84
N ASN C 163 -21.91 -10.80 18.10
CA ASN C 163 -21.21 -10.84 16.79
C ASN C 163 -19.68 -10.73 16.98
N PHE C 164 -19.22 -10.57 18.22
CA PHE C 164 -17.75 -10.41 18.44
C PHE C 164 -17.02 -11.72 18.19
N LYS C 165 -15.79 -11.63 17.69
CA LYS C 165 -14.96 -12.83 17.44
C LYS C 165 -14.57 -13.50 18.76
N LYS C 166 -14.52 -14.83 18.76
CA LYS C 166 -14.13 -15.58 19.98
C LYS C 166 -12.69 -15.20 20.38
N GLU C 167 -11.79 -15.00 19.41
CA GLU C 167 -10.39 -14.65 19.76
C GLU C 167 -10.38 -13.31 20.49
N HIS C 168 -11.30 -12.40 20.14
CA HIS C 168 -11.33 -11.07 20.80
C HIS C 168 -11.89 -11.23 22.22
N ILE C 169 -12.92 -12.05 22.36
CA ILE C 169 -13.53 -12.28 23.70
C ILE C 169 -12.48 -12.91 24.62
N ASN C 170 -11.61 -13.77 24.06
CA ASN C 170 -10.54 -14.44 24.85
C ASN C 170 -9.52 -13.41 25.36
N ILE C 171 -9.20 -12.41 24.55
CA ILE C 171 -8.26 -11.32 24.99
C ILE C 171 -8.90 -10.60 26.18
N LEU C 172 -10.19 -10.28 26.05
CA LEU C 172 -10.91 -9.56 27.13
C LEU C 172 -10.89 -10.42 28.40
N ARG C 173 -11.20 -11.71 28.29
N ARG C 173 -11.23 -11.70 28.26
CA ARG C 173 -11.19 -12.58 29.50
CA ARG C 173 -11.23 -12.64 29.42
C ARG C 173 -9.80 -12.53 30.15
C ARG C 173 -9.85 -12.61 30.09
N ASP C 174 -8.74 -12.67 29.36
N ASP C 174 -8.78 -12.68 29.29
CA ASP C 174 -7.36 -12.67 29.92
CA ASP C 174 -7.39 -12.65 29.82
C ASP C 174 -7.05 -11.34 30.64
C ASP C 174 -7.12 -11.37 30.63
N ILE C 175 -7.47 -10.19 30.11
CA ILE C 175 -7.10 -8.90 30.79
C ILE C 175 -8.03 -8.63 31.97
N LYS C 177 -8.92 -11.05 34.17
CA LYS C 177 -8.63 -11.99 35.25
C LYS C 177 -8.10 -11.24 36.48
N ILE C 178 -8.62 -11.58 37.65
CA ILE C 178 -8.22 -10.96 38.95
C ILE C 178 -7.52 -12.01 39.82
N ASP C 179 -6.51 -11.59 40.59
CA ASP C 179 -5.86 -12.53 41.54
C ASP C 179 -6.52 -12.29 42.90
N VAL C 180 -7.22 -13.28 43.45
CA VAL C 180 -7.88 -13.11 44.78
C VAL C 180 -7.26 -14.07 45.82
N ASN C 181 -5.98 -14.44 45.62
CA ASN C 181 -5.22 -15.28 46.60
C ASN C 181 -5.94 -16.60 46.88
N ASP C 182 -6.65 -17.14 45.89
CA ASP C 182 -7.34 -18.46 46.02
C ASP C 182 -7.42 -19.09 44.62
N LYS C 183 -6.64 -20.13 44.39
CA LYS C 183 -6.56 -20.78 43.04
C LYS C 183 -7.82 -21.61 42.78
N ASN C 184 -8.70 -21.74 43.76
CA ASN C 184 -9.96 -22.51 43.54
C ASN C 184 -11.02 -21.61 42.91
N ILE C 185 -10.76 -20.29 42.84
CA ILE C 185 -11.79 -19.35 42.33
C ILE C 185 -11.20 -18.54 41.16
N ASN C 186 -11.89 -18.57 40.02
CA ASN C 186 -11.45 -17.77 38.84
C ASN C 186 -12.38 -16.58 38.76
N VAL C 187 -11.85 -15.40 39.11
CA VAL C 187 -12.66 -14.14 39.13
C VAL C 187 -12.17 -13.24 38.00
N TYR C 188 -13.11 -12.64 37.28
CA TYR C 188 -12.81 -11.71 36.15
C TYR C 188 -13.67 -10.47 36.38
N GLY C 189 -13.11 -9.28 36.16
CA GLY C 189 -13.98 -8.11 36.34
C GLY C 189 -13.30 -6.80 36.01
N LYS C 190 -14.08 -5.73 36.13
CA LYS C 190 -13.61 -4.36 35.85
C LYS C 190 -14.28 -3.40 36.84
N THR C 191 -13.48 -2.53 37.43
CA THR C 191 -14.02 -1.47 38.32
C THR C 191 -14.49 -0.25 37.51
N GLY C 192 -15.27 0.59 38.16
CA GLY C 192 -15.78 1.86 37.64
C GLY C 192 -15.91 2.86 38.78
N THR C 193 -15.42 4.08 38.59
CA THR C 193 -15.47 5.12 39.63
C THR C 193 -15.97 6.42 39.01
N GLY C 194 -17.06 6.95 39.55
CA GLY C 194 -17.60 8.23 39.06
C GLY C 194 -18.39 8.91 40.16
N PHE C 195 -18.67 10.19 39.97
CA PHE C 195 -19.49 10.91 40.96
C PHE C 195 -20.64 11.59 40.21
N ASP C 196 -21.87 11.26 40.62
CA ASP C 196 -23.10 11.85 40.04
C ASP C 196 -23.31 13.20 40.73
N GLU C 197 -22.82 14.27 40.11
CA GLU C 197 -22.83 15.66 40.66
C GLU C 197 -24.24 16.17 40.99
N LYS C 198 -25.27 15.79 40.23
CA LYS C 198 -26.61 16.35 40.51
C LYS C 198 -27.26 15.63 41.71
N ASN C 199 -27.03 14.32 41.86
CA ASN C 199 -27.59 13.54 42.99
C ASN C 199 -26.60 13.48 44.17
N LYS C 200 -25.41 14.05 44.01
CA LYS C 200 -24.37 14.06 45.11
C LYS C 200 -24.13 12.63 45.60
N ARG C 201 -24.03 11.68 44.66
CA ARG C 201 -23.78 10.25 44.99
C ARG C 201 -22.75 9.67 44.05
N VAL C 202 -21.99 8.70 44.55
CA VAL C 202 -20.95 8.08 43.68
C VAL C 202 -21.61 7.01 42.81
N ASP C 203 -20.90 6.66 41.74
CA ASP C 203 -21.22 5.51 40.86
C ASP C 203 -19.96 4.64 40.96
N ALA C 204 -19.94 3.72 41.92
CA ALA C 204 -18.80 2.81 42.18
C ALA C 204 -19.24 1.41 41.77
N TRP C 205 -18.47 0.81 40.86
CA TRP C 205 -18.86 -0.48 40.24
C TRP C 205 -17.77 -1.54 40.32
N PHE C 206 -18.23 -2.79 40.32
CA PHE C 206 -17.34 -3.93 40.04
C PHE C 206 -18.23 -4.91 39.28
N VAL C 207 -17.87 -5.14 38.02
CA VAL C 207 -18.67 -5.98 37.09
C VAL C 207 -17.78 -7.07 36.52
N GLY C 208 -18.31 -8.29 36.36
CA GLY C 208 -17.48 -9.36 35.79
C GLY C 208 -18.15 -10.72 35.91
N LEU C 210 -17.62 -15.01 37.62
CA LEU C 210 -17.02 -15.98 38.50
C LEU C 210 -17.17 -17.39 37.90
N GLU C 211 -16.08 -18.15 37.86
CA GLU C 211 -16.11 -19.56 37.41
C GLU C 211 -15.71 -20.43 38.62
N ARG C 212 -16.52 -21.43 38.98
CA ARG C 212 -16.15 -22.33 40.10
C ARG C 212 -16.87 -23.68 39.90
N GLU C 213 -16.07 -24.75 39.76
CA GLU C 213 -16.56 -26.15 39.60
C GLU C 213 -17.70 -26.24 38.58
N GLY C 214 -17.42 -25.96 37.30
CA GLY C 214 -18.43 -26.09 36.24
C GLY C 214 -19.44 -24.95 36.19
N ASP C 215 -19.77 -24.31 37.32
CA ASP C 215 -20.78 -23.21 37.33
C ASP C 215 -20.11 -21.87 36.96
N THR C 216 -20.88 -20.99 36.30
CA THR C 216 -20.43 -19.64 35.93
C THR C 216 -21.48 -18.60 36.36
N TYR C 217 -21.06 -17.59 37.13
CA TYR C 217 -21.95 -16.48 37.56
C TYR C 217 -21.49 -15.15 36.97
N TYR C 218 -22.40 -14.41 36.33
CA TYR C 218 -22.12 -13.04 35.83
C TYR C 218 -22.64 -12.08 36.91
N PHE C 219 -21.81 -11.13 37.35
CA PHE C 219 -22.20 -10.30 38.51
C PHE C 219 -21.94 -8.81 38.29
N ALA C 220 -22.66 -8.03 39.09
CA ALA C 220 -22.49 -6.56 39.13
C ALA C 220 -22.68 -6.09 40.57
N ILE C 221 -21.65 -5.43 41.10
CA ILE C 221 -21.71 -4.85 42.47
C ILE C 221 -21.73 -3.34 42.26
N LYS C 222 -22.66 -2.64 42.91
CA LYS C 222 -22.83 -1.18 42.67
C LYS C 222 -23.09 -0.42 43.97
N SER C 223 -22.38 0.69 44.16
CA SER C 223 -22.63 1.59 45.32
C SER C 223 -23.13 2.93 44.78
N ASP C 224 -24.11 3.50 45.48
CA ASP C 224 -24.71 4.83 45.19
C ASP C 224 -24.56 5.66 46.48
N ASP C 225 -23.50 5.40 47.23
CA ASP C 225 -23.25 6.06 48.54
C ASP C 225 -22.88 7.54 48.36
N SER C 226 -23.27 8.35 49.35
CA SER C 226 -23.00 9.81 49.41
C SER C 226 -21.52 10.07 49.63
N ASN C 227 -20.81 9.11 50.24
CA ASN C 227 -19.38 9.24 50.60
C ASN C 227 -18.51 9.08 49.35
N LYS C 228 -17.86 10.17 48.92
CA LYS C 228 -16.99 10.19 47.72
C LYS C 228 -15.77 9.28 47.87
N GLU C 229 -15.39 8.88 49.08
CA GLU C 229 -14.19 8.02 49.19
C GLU C 229 -14.58 6.59 48.77
N ILE C 230 -15.85 6.35 48.45
CA ILE C 230 -16.29 4.99 48.00
C ILE C 230 -16.03 4.93 46.49
N THR C 231 -15.04 4.12 46.09
CA THR C 231 -14.61 4.02 44.66
C THR C 231 -14.77 2.57 44.15
N GLY C 232 -14.57 2.37 42.84
CA GLY C 232 -14.64 1.02 42.24
C GLY C 232 -13.77 0.04 43.03
N PRO C 233 -12.48 0.37 43.27
CA PRO C 233 -11.61 -0.48 44.08
C PRO C 233 -12.25 -0.89 45.41
N LYS C 234 -12.94 0.05 46.08
CA LYS C 234 -13.61 -0.25 47.38
C LYS C 234 -14.76 -1.25 47.12
N VAL C 235 -15.53 -1.04 46.05
CA VAL C 235 -16.68 -1.94 45.72
C VAL C 235 -16.11 -3.29 45.23
N LYS C 236 -14.88 -3.29 44.71
CA LYS C 236 -14.23 -4.55 44.29
C LYS C 236 -13.90 -5.35 45.56
N GLU C 237 -13.41 -4.67 46.59
CA GLU C 237 -13.15 -5.36 47.89
C GLU C 237 -14.45 -6.02 48.35
N ILE C 238 -15.58 -5.30 48.26
CA ILE C 238 -16.90 -5.84 48.67
C ILE C 238 -17.25 -7.07 47.83
N ALA C 239 -17.12 -6.98 46.51
CA ALA C 239 -17.44 -8.11 45.59
C ALA C 239 -16.66 -9.38 45.96
N ILE C 240 -15.37 -9.22 46.28
CA ILE C 240 -14.48 -10.36 46.62
C ILE C 240 -14.91 -10.94 47.98
N ASN C 241 -15.28 -10.09 48.93
CA ASN C 241 -15.77 -10.57 50.25
C ASN C 241 -17.05 -11.39 50.02
N ILE C 242 -17.97 -10.87 49.20
CA ILE C 242 -19.26 -11.56 48.88
C ILE C 242 -18.95 -12.91 48.20
N ILE C 243 -17.99 -12.92 47.27
CA ILE C 243 -17.63 -14.16 46.52
C ILE C 243 -17.04 -15.19 47.49
N LYS C 244 -16.14 -14.75 48.37
CA LYS C 244 -15.50 -15.67 49.35
C LYS C 244 -16.55 -16.38 50.22
N LYS C 245 -17.61 -15.67 50.63
CA LYS C 245 -18.61 -16.22 51.58
C LYS C 245 -19.79 -16.95 50.92
N TYR C 246 -20.35 -16.41 49.84
CA TYR C 246 -21.61 -17.01 49.30
C TYR C 246 -21.41 -17.76 47.98
N TYR C 247 -20.21 -17.68 47.38
CA TYR C 247 -19.93 -18.36 46.08
C TYR C 247 -18.60 -19.11 46.19
N SER C 248 -18.31 -19.60 47.41
CA SER C 248 -17.07 -20.35 47.73
C SER C 248 -17.06 -21.73 47.07
N VAL C 249 -15.88 -22.33 46.96
CA VAL C 249 -15.73 -23.68 46.34
C VAL C 249 -16.15 -24.72 47.38
N ARG C 250 -16.37 -25.97 46.96
CA ARG C 250 -16.84 -27.04 47.88
C ARG C 250 -15.77 -28.12 48.06
N GLU C 251 -15.26 -28.67 46.95
CA GLU C 251 -14.25 -29.78 46.97
C GLU C 251 -12.96 -29.41 47.72
N GLY C 252 -12.28 -28.34 47.28
CA GLY C 252 -11.00 -27.92 47.90
C GLY C 252 -11.16 -26.70 48.77
N ALA C 253 -12.28 -26.57 49.47
CA ALA C 253 -12.54 -25.42 50.39
C ALA C 253 -11.46 -25.38 51.49
N ALA C 254 -11.17 -24.17 52.00
CA ALA C 254 -10.16 -23.98 53.07
C ALA C 254 -10.58 -24.70 54.37
N LEU C 255 -9.59 -25.18 55.13
CA LEU C 255 -9.82 -25.88 56.42
C LEU C 255 -9.54 -24.91 57.58
N VAL D 2 12.57 37.08 -15.62
CA VAL D 2 14.00 37.06 -15.38
C VAL D 2 14.69 37.49 -16.67
N ASP D 3 15.96 37.87 -16.59
CA ASP D 3 16.68 38.34 -17.81
C ASP D 3 17.84 37.39 -18.13
N TYR D 4 17.69 36.60 -19.20
CA TYR D 4 18.76 35.69 -19.67
C TYR D 4 19.28 36.21 -21.02
N SER D 5 18.96 37.47 -21.35
CA SER D 5 19.41 38.07 -22.64
C SER D 5 20.92 37.92 -22.81
N ASP D 6 21.68 38.05 -21.72
CA ASP D 6 23.17 37.93 -21.76
C ASP D 6 23.59 36.60 -22.39
N CYS D 7 22.82 35.53 -22.19
CA CYS D 7 23.19 34.19 -22.72
C CYS D 7 22.70 34.01 -24.16
N PHE D 8 21.75 34.83 -24.61
CA PHE D 8 21.17 34.72 -25.98
C PHE D 8 22.09 35.42 -27.01
N GLU D 9 22.86 36.41 -26.57
CA GLU D 9 23.83 37.13 -27.45
C GLU D 9 23.16 37.71 -28.71
N GLY D 10 22.02 38.40 -28.54
CA GLY D 10 21.35 39.05 -29.69
C GLY D 10 20.37 38.14 -30.41
N ILE D 11 20.50 36.82 -30.24
CA ILE D 11 19.59 35.85 -30.91
C ILE D 11 18.17 36.06 -30.35
N SER D 12 17.19 36.22 -31.24
CA SER D 12 15.77 36.37 -30.82
C SER D 12 15.30 35.03 -30.24
N GLY D 13 14.75 35.05 -29.02
CA GLY D 13 14.28 33.80 -28.41
C GLY D 13 13.74 34.00 -27.01
N GLY D 14 13.51 32.89 -26.30
CA GLY D 14 12.98 32.91 -24.93
C GLY D 14 13.33 31.65 -24.18
N ALA D 15 13.06 31.63 -22.88
CA ALA D 15 13.38 30.43 -22.09
C ALA D 15 12.41 30.29 -20.91
N ILE D 16 12.17 29.05 -20.49
CA ILE D 16 11.34 28.80 -19.28
C ILE D 16 11.95 27.63 -18.51
N PHE D 17 12.09 27.81 -17.19
CA PHE D 17 12.58 26.78 -16.25
C PHE D 17 11.52 26.57 -15.18
N TYR D 18 11.15 25.33 -14.93
CA TYR D 18 10.14 25.01 -13.89
C TYR D 18 10.79 24.11 -12.84
N ASN D 19 10.75 24.53 -11.57
CA ASN D 19 11.33 23.74 -10.45
C ASN D 19 10.19 22.95 -9.81
N THR D 20 10.43 21.65 -9.63
CA THR D 20 9.45 20.68 -9.07
C THR D 20 9.14 20.94 -7.60
N LYS D 21 10.14 21.39 -6.84
CA LYS D 21 9.97 21.61 -5.38
C LYS D 21 9.24 22.91 -5.09
N ASN D 22 9.65 24.03 -5.68
CA ASN D 22 8.99 25.34 -5.39
C ASN D 22 7.78 25.56 -6.31
N LYS D 23 7.53 24.66 -7.28
CA LYS D 23 6.41 24.83 -8.24
C LYS D 23 6.51 26.21 -8.91
N GLU D 24 7.71 26.79 -8.93
CA GLU D 24 7.89 28.16 -9.50
C GLU D 24 8.50 28.09 -10.91
N TYR D 25 8.09 29.02 -11.77
CA TYR D 25 8.62 29.14 -13.16
C TYR D 25 9.55 30.35 -13.27
N ASN D 26 10.68 30.16 -13.94
CA ASN D 26 11.62 31.28 -14.24
C ASN D 26 11.41 31.54 -15.73
N ILE D 27 10.74 32.63 -16.08
CA ILE D 27 10.38 32.89 -17.50
C ILE D 27 11.11 34.10 -18.09
N TYR D 28 11.69 33.88 -19.28
CA TYR D 28 12.34 34.94 -20.08
C TYR D 28 11.62 35.05 -21.44
N ASN D 29 10.95 36.19 -21.66
CA ASN D 29 10.16 36.50 -22.87
C ASN D 29 8.87 35.69 -22.81
N LYS D 30 8.01 36.08 -21.86
CA LYS D 30 6.69 35.46 -21.53
C LYS D 30 5.87 35.22 -22.80
N GLU D 31 5.79 36.21 -23.70
CA GLU D 31 4.97 36.07 -24.93
C GLU D 31 5.50 34.94 -25.82
N LEU D 32 6.82 34.86 -26.04
CA LEU D 32 7.36 33.81 -26.93
C LEU D 32 7.19 32.42 -26.31
N ILE D 33 7.43 32.26 -25.01
CA ILE D 33 7.30 30.89 -24.40
C ILE D 33 5.82 30.48 -24.36
N GLU D 34 4.87 31.39 -24.62
CA GLU D 34 3.43 31.00 -24.61
C GLU D 34 2.94 30.78 -26.05
N THR D 35 3.83 31.01 -27.04
CA THR D 35 3.45 30.86 -28.46
C THR D 35 3.64 29.42 -28.93
N ARG D 36 2.59 28.84 -29.50
CA ARG D 36 2.67 27.46 -30.03
C ARG D 36 3.41 27.46 -31.36
N ARG D 37 4.30 26.49 -31.54
CA ARG D 37 5.09 26.30 -32.79
C ARG D 37 5.28 24.80 -33.05
N SER D 38 5.75 24.47 -34.24
CA SER D 38 6.03 23.04 -34.55
C SER D 38 7.10 22.58 -33.60
N PRO D 39 6.92 21.43 -32.91
CA PRO D 39 7.94 20.93 -32.00
C PRO D 39 9.19 20.47 -32.75
N CYS D 40 9.04 20.21 -34.07
CA CYS D 40 10.14 19.64 -34.90
C CYS D 40 10.68 18.37 -34.19
N SER D 41 12.00 18.16 -34.19
CA SER D 41 12.57 16.90 -33.60
C SER D 41 12.36 16.81 -32.08
N THR D 42 11.95 17.86 -31.37
CA THR D 42 11.70 17.66 -29.91
C THR D 42 10.55 16.67 -29.75
N PHE D 43 9.74 16.47 -30.80
CA PHE D 43 8.61 15.50 -30.70
C PHE D 43 9.15 14.09 -30.47
N ILE D 45 10.94 12.98 -28.20
CA ILE D 45 10.80 12.62 -26.79
C ILE D 45 9.50 11.81 -26.64
N VAL D 46 8.40 12.29 -27.22
CA VAL D 46 7.08 11.65 -27.06
C VAL D 46 6.94 10.45 -28.02
N SER D 47 7.39 10.59 -29.27
CA SER D 47 7.23 9.46 -30.22
C SER D 47 8.02 8.26 -29.69
N THR D 48 9.15 8.50 -29.01
CA THR D 48 9.91 7.37 -28.42
C THR D 48 9.02 6.64 -27.40
N LEU D 49 8.33 7.39 -26.53
CA LEU D 49 7.47 6.77 -25.49
C LEU D 49 6.28 6.05 -26.15
N ILE D 50 5.69 6.65 -27.16
CA ILE D 50 4.57 6.01 -27.93
C ILE D 50 5.09 4.69 -28.53
N GLY D 51 6.26 4.71 -29.17
CA GLY D 51 6.79 3.48 -29.78
C GLY D 51 7.03 2.40 -28.73
N LEU D 52 7.55 2.79 -27.56
CA LEU D 52 7.81 1.78 -26.50
C LEU D 52 6.48 1.27 -25.94
N GLU D 53 5.54 2.19 -25.72
CA GLU D 53 4.22 1.81 -25.14
C GLU D 53 3.48 0.87 -26.10
N LYS D 54 3.65 1.08 -27.42
CA LYS D 54 2.89 0.27 -28.43
C LYS D 54 3.70 -0.93 -28.90
N GLY D 55 4.91 -1.14 -28.39
CA GLY D 55 5.70 -2.34 -28.74
C GLY D 55 6.35 -2.26 -30.10
N VAL D 56 6.39 -1.06 -30.70
CA VAL D 56 7.07 -0.87 -32.03
C VAL D 56 8.59 -0.96 -31.82
N ILE D 57 9.05 -0.54 -30.64
CA ILE D 57 10.46 -0.56 -30.18
C ILE D 57 10.42 -1.09 -28.75
N ASN D 58 11.56 -1.47 -28.17
CA ASN D 58 11.54 -2.13 -26.85
C ASN D 58 12.80 -1.78 -26.06
N SER D 59 13.75 -1.07 -26.66
CA SER D 59 15.04 -0.85 -25.96
C SER D 59 15.87 0.18 -26.71
N LYS D 60 16.95 0.63 -26.08
CA LYS D 60 17.82 1.62 -26.75
C LYS D 60 18.48 0.99 -27.98
N GLU D 61 18.55 -0.35 -28.08
CA GLU D 61 19.18 -0.98 -29.28
C GLU D 61 18.17 -1.25 -30.41
N SER D 62 16.88 -0.97 -30.21
CA SER D 62 15.83 -1.31 -31.21
C SER D 62 16.12 -0.71 -32.58
N VAL D 63 15.88 -1.50 -33.63
CA VAL D 63 16.09 -1.05 -35.02
C VAL D 63 14.77 -1.14 -35.77
N GLY D 65 14.76 -1.24 -39.41
CA GLY D 65 14.96 -1.80 -40.74
C GLY D 65 15.34 -0.70 -41.72
N TYR D 66 16.56 -0.78 -42.25
CA TYR D 66 17.09 0.24 -43.20
C TYR D 66 16.93 -0.24 -44.64
N ASP D 67 16.42 0.65 -45.52
CA ASP D 67 16.17 0.32 -46.95
C ASP D 67 17.33 0.75 -47.87
N GLY D 68 18.46 1.22 -47.33
CA GLY D 68 19.62 1.59 -48.17
C GLY D 68 19.58 3.00 -48.75
N THR D 69 18.60 3.84 -48.39
CA THR D 69 18.51 5.22 -48.92
C THR D 69 19.70 6.03 -48.40
N GLU D 70 20.37 6.77 -49.29
CA GLU D 70 21.56 7.60 -48.95
C GLU D 70 21.08 8.96 -48.45
N TYR D 71 21.38 9.30 -47.19
CA TYR D 71 20.96 10.60 -46.58
C TYR D 71 22.18 11.50 -46.34
N PRO D 72 21.99 12.85 -46.33
CA PRO D 72 23.09 13.79 -46.09
C PRO D 72 23.86 13.49 -44.78
N ASN D 73 23.12 13.13 -43.73
CA ASN D 73 23.74 12.75 -42.43
C ASN D 73 24.12 11.27 -42.54
N LYS D 74 25.41 10.97 -42.73
CA LYS D 74 25.84 9.55 -42.96
C LYS D 74 25.49 8.66 -41.76
N ASN D 75 25.23 9.21 -40.57
CA ASN D 75 24.89 8.36 -39.39
C ASN D 75 23.48 7.78 -39.59
N TRP D 76 22.74 8.28 -40.59
CA TRP D 76 21.38 7.78 -40.93
C TRP D 76 21.48 6.61 -41.93
N ASN D 77 22.63 6.46 -42.59
CA ASN D 77 22.79 5.48 -43.70
C ASN D 77 23.07 4.07 -43.18
N LYS D 78 22.25 3.58 -42.25
CA LYS D 78 22.46 2.20 -41.73
C LYS D 78 21.28 1.84 -40.86
N ASN D 79 21.25 0.60 -40.39
CA ASN D 79 20.15 0.13 -39.51
C ASN D 79 20.50 0.59 -38.08
N LEU D 80 20.38 1.89 -37.83
CA LEU D 80 20.80 2.50 -36.54
C LEU D 80 19.80 2.20 -35.43
N SER D 81 20.32 2.20 -34.21
CA SER D 81 19.56 1.94 -32.98
C SER D 81 18.69 3.14 -32.59
N LEU D 82 17.74 2.87 -31.70
CA LEU D 82 16.89 3.96 -31.12
C LEU D 82 17.79 5.08 -30.58
N GLU D 83 18.79 4.69 -29.78
CA GLU D 83 19.69 5.71 -29.17
C GLU D 83 20.33 6.59 -30.26
N GLU D 84 20.86 5.97 -31.32
CA GLU D 84 21.50 6.73 -32.42
C GLU D 84 20.48 7.55 -33.17
N ALA D 85 19.27 7.02 -33.40
CA ALA D 85 18.22 7.73 -34.15
C ALA D 85 17.79 8.97 -33.35
N PHE D 86 17.73 8.86 -32.03
CA PHE D 86 17.33 10.00 -31.17
C PHE D 86 18.41 11.06 -31.20
N LYS D 87 19.66 10.66 -30.95
CA LYS D 87 20.79 11.63 -30.90
C LYS D 87 21.04 12.26 -32.29
N GLU D 88 20.76 11.55 -33.39
CA GLU D 88 21.00 12.12 -34.76
C GLU D 88 19.70 12.67 -35.36
N SER D 89 18.62 12.76 -34.59
CA SER D 89 17.33 13.30 -35.12
C SER D 89 16.99 12.59 -36.44
N CYS D 90 17.11 11.26 -36.45
CA CYS D 90 16.87 10.48 -37.69
C CYS D 90 15.38 10.42 -38.00
N VAL D 91 14.97 11.20 -39.01
CA VAL D 91 13.54 11.32 -39.40
C VAL D 91 13.00 10.02 -40.03
N TRP D 92 13.80 9.30 -40.85
CA TRP D 92 13.21 8.09 -41.48
C TRP D 92 12.88 7.05 -40.40
N TYR D 93 13.75 6.92 -39.40
CA TYR D 93 13.56 5.94 -38.30
C TYR D 93 12.24 6.25 -37.60
N TYR D 94 12.06 7.52 -37.19
CA TYR D 94 10.85 7.93 -36.44
C TYR D 94 9.60 7.98 -37.32
N LYS D 95 9.75 8.16 -38.63
CA LYS D 95 8.53 8.14 -39.47
C LYS D 95 8.06 6.69 -39.57
N LYS D 96 9.00 5.77 -39.76
CA LYS D 96 8.65 4.33 -39.87
C LYS D 96 8.06 3.88 -38.52
N LEU D 97 8.60 4.40 -37.42
CA LEU D 97 8.08 4.04 -36.06
C LEU D 97 6.64 4.53 -35.89
N ILE D 98 6.36 5.81 -36.14
CA ILE D 98 4.99 6.33 -35.88
C ILE D 98 3.96 5.75 -36.87
N ASP D 99 4.34 5.47 -38.12
CA ASP D 99 3.38 4.88 -39.09
C ASP D 99 2.90 3.49 -38.61
N LYS D 100 3.66 2.83 -37.73
CA LYS D 100 3.26 1.49 -37.20
C LYS D 100 2.32 1.66 -36.01
N VAL D 101 1.94 2.90 -35.71
CA VAL D 101 1.01 3.18 -34.59
C VAL D 101 -0.30 3.68 -35.20
N ASP D 102 -1.43 3.23 -34.66
CA ASP D 102 -2.76 3.65 -35.17
C ASP D 102 -2.98 5.11 -34.78
N ALA D 103 -3.65 5.88 -35.63
CA ALA D 103 -3.92 7.32 -35.39
C ALA D 103 -4.63 7.56 -34.04
N LYS D 104 -5.63 6.75 -33.67
CA LYS D 104 -6.36 7.05 -32.42
C LYS D 104 -5.44 6.89 -31.21
N SER D 105 -4.53 5.91 -31.18
CA SER D 105 -3.63 5.81 -30.00
C SER D 105 -2.77 7.07 -29.89
N VAL D 106 -2.22 7.56 -31.01
CA VAL D 106 -1.39 8.80 -30.93
C VAL D 106 -2.28 9.94 -30.42
N GLN D 107 -3.48 10.06 -30.98
CA GLN D 107 -4.41 11.14 -30.57
C GLN D 107 -4.67 11.07 -29.05
N ASN D 108 -5.07 9.90 -28.54
CA ASN D 108 -5.38 9.71 -27.09
C ASN D 108 -4.16 10.08 -26.25
N ILE D 109 -2.97 9.66 -26.66
CA ILE D 109 -1.73 9.94 -25.88
C ILE D 109 -1.43 11.45 -25.93
N LEU D 110 -1.51 12.09 -27.09
CA LEU D 110 -1.25 13.56 -27.11
C LEU D 110 -2.30 14.29 -26.26
N ASP D 111 -3.56 13.87 -26.36
CA ASP D 111 -4.65 14.49 -25.56
C ASP D 111 -4.33 14.39 -24.06
N ASP D 112 -3.96 13.19 -23.59
CA ASP D 112 -3.66 12.93 -22.16
C ASP D 112 -2.43 13.75 -21.70
N LEU D 113 -1.43 13.93 -22.57
CA LEU D 113 -0.22 14.73 -22.23
C LEU D 113 -0.49 16.23 -22.40
N LYS D 114 -1.64 16.61 -22.95
CA LYS D 114 -1.95 18.03 -23.26
C LYS D 114 -0.81 18.56 -24.13
N TYR D 115 -0.54 17.84 -25.23
CA TYR D 115 0.61 18.18 -26.10
C TYR D 115 0.17 19.26 -27.11
N GLY D 116 0.08 20.50 -26.63
CA GLY D 116 -0.29 21.64 -27.49
C GLY D 116 -1.65 21.44 -28.13
N ASN D 117 -1.75 21.69 -29.44
CA ASN D 117 -3.05 21.63 -30.16
C ASN D 117 -3.43 20.17 -30.45
N CYS D 118 -2.53 19.21 -30.18
CA CYS D 118 -2.79 17.76 -30.40
C CYS D 118 -3.32 17.52 -31.82
N ASP D 119 -2.80 18.27 -32.81
CA ASP D 119 -3.33 18.17 -34.20
C ASP D 119 -2.43 17.28 -35.06
N ILE D 120 -2.89 16.04 -35.31
CA ILE D 120 -2.15 15.09 -36.19
C ILE D 120 -2.88 14.94 -37.53
N SER D 121 -3.73 15.91 -37.88
CA SER D 121 -4.55 15.87 -39.13
C SER D 121 -3.68 15.71 -40.39
N GLU D 122 -2.50 16.35 -40.44
CA GLU D 122 -1.59 16.21 -41.60
C GLU D 122 -0.58 15.11 -41.24
N TRP D 123 -1.04 13.87 -41.20
CA TRP D 123 -0.22 12.72 -40.75
C TRP D 123 1.13 12.68 -41.48
N GLU D 124 1.13 12.75 -42.81
CA GLU D 124 2.36 12.63 -43.64
C GLU D 124 3.14 13.95 -43.66
N GLY D 125 2.60 15.02 -43.07
CA GLY D 125 3.31 16.31 -43.00
C GLY D 125 3.04 17.20 -44.21
N ASP D 126 4.02 18.03 -44.56
CA ASP D 126 3.88 18.98 -45.69
C ASP D 126 4.59 18.41 -46.93
N LEU D 127 3.91 17.53 -47.69
CA LEU D 127 4.52 16.89 -48.88
C LEU D 127 4.81 17.91 -49.98
N LYS D 128 4.30 19.15 -49.87
CA LYS D 128 4.53 20.21 -50.89
C LYS D 128 5.89 20.90 -50.69
N ASN D 129 6.83 20.25 -49.99
CA ASN D 129 8.19 20.81 -49.78
C ASN D 129 9.21 19.93 -50.54
N GLY D 130 8.72 18.87 -51.19
CA GLY D 130 9.52 17.97 -52.04
C GLY D 130 10.43 17.01 -51.28
N LYS D 131 10.32 16.96 -49.94
CA LYS D 131 11.20 16.06 -49.13
C LYS D 131 10.61 14.64 -49.06
N GLY D 132 9.45 14.41 -49.69
CA GLY D 132 8.83 13.08 -49.76
C GLY D 132 8.52 12.45 -48.41
N HIS D 133 9.16 11.30 -48.13
N HIS D 133 9.18 11.31 -48.15
CA HIS D 133 8.92 10.54 -46.88
CA HIS D 133 8.99 10.52 -46.90
C HIS D 133 9.70 11.16 -45.70
C HIS D 133 9.67 11.18 -45.70
N LEU D 134 10.46 12.24 -45.92
CA LEU D 134 11.17 12.94 -44.80
C LEU D 134 10.25 14.06 -44.31
N ASN D 135 9.06 13.67 -43.83
CA ASN D 135 7.99 14.59 -43.40
C ASN D 135 7.06 13.90 -42.41
N GLY D 136 6.29 14.70 -41.67
CA GLY D 136 5.33 14.21 -40.67
C GLY D 136 4.60 15.36 -40.01
N PHE D 137 3.50 15.06 -39.30
CA PHE D 137 2.65 16.07 -38.62
C PHE D 137 3.45 16.89 -37.60
N TRP D 138 4.59 16.37 -37.15
CA TRP D 138 5.40 17.08 -36.11
C TRP D 138 6.51 17.93 -36.73
N LEU D 139 6.66 17.94 -38.07
CA LEU D 139 7.76 18.67 -38.74
C LEU D 139 7.22 19.83 -39.57
N GLU D 140 7.10 21.02 -38.92
CA GLU D 140 6.54 22.23 -39.57
C GLU D 140 5.23 21.84 -40.27
N SER D 141 4.37 21.15 -39.54
CA SER D 141 3.06 20.70 -40.09
C SER D 141 1.94 21.06 -39.10
N SER D 142 0.94 20.21 -38.97
CA SER D 142 -0.27 20.56 -38.15
C SER D 142 0.02 20.64 -36.65
N LEU D 143 0.89 19.78 -36.10
CA LEU D 143 1.12 19.75 -34.63
C LEU D 143 1.90 20.98 -34.20
N GLN D 144 1.44 21.63 -33.12
N GLN D 144 1.42 21.65 -33.14
CA GLN D 144 2.09 22.83 -32.58
CA GLN D 144 2.01 22.91 -32.59
C GLN D 144 1.96 22.79 -31.06
C GLN D 144 1.92 22.85 -31.06
N ILE D 145 2.97 23.35 -30.38
CA ILE D 145 3.01 23.34 -28.89
C ILE D 145 3.89 24.50 -28.43
N SER D 146 3.56 25.09 -27.29
CA SER D 146 4.35 26.23 -26.75
C SER D 146 5.47 25.72 -25.88
N PRO D 147 6.58 26.48 -25.73
CA PRO D 147 7.64 26.11 -24.81
C PRO D 147 7.09 25.80 -23.41
N LYS D 148 6.14 26.60 -22.91
CA LYS D 148 5.58 26.34 -21.56
C LYS D 148 4.86 24.98 -21.54
N GLU D 149 4.12 24.66 -22.61
CA GLU D 149 3.40 23.36 -22.72
C GLU D 149 4.40 22.21 -22.79
N GLN D 150 5.53 22.41 -23.47
CA GLN D 150 6.62 21.40 -23.54
C GLN D 150 7.10 21.09 -22.12
N VAL D 151 7.38 22.16 -21.34
CA VAL D 151 7.88 21.98 -19.95
C VAL D 151 6.82 21.29 -19.09
N GLN D 152 5.55 21.62 -19.30
CA GLN D 152 4.47 21.00 -18.50
C GLN D 152 4.38 19.51 -18.88
N THR D 153 4.58 19.20 -20.16
CA THR D 153 4.53 17.79 -20.63
C THR D 153 5.70 16.99 -20.03
N ALA D 155 7.39 17.59 -17.26
CA ALA D 155 7.18 17.47 -15.82
C ALA D 155 6.22 16.31 -15.54
N LYS D 156 5.11 16.23 -16.26
CA LYS D 156 4.12 15.14 -16.06
C LYS D 156 4.79 13.78 -16.36
N ILE D 157 5.54 13.69 -17.46
CA ILE D 157 6.19 12.40 -17.83
C ILE D 157 7.26 12.04 -16.79
N PHE D 158 8.20 12.95 -16.53
CA PHE D 158 9.39 12.56 -15.74
C PHE D 158 9.15 12.65 -14.23
N GLU D 159 8.02 13.18 -13.79
CA GLU D 159 7.70 13.19 -12.33
C GLU D 159 6.82 11.97 -12.05
N GLY D 160 6.62 11.11 -13.07
CA GLY D 160 5.83 9.87 -12.95
C GLY D 160 4.33 10.12 -12.87
N ASP D 161 3.82 11.18 -13.52
CA ASP D 161 2.36 11.48 -13.45
C ASP D 161 1.62 11.00 -14.70
N THR D 162 2.27 10.31 -15.64
CA THR D 162 1.53 9.77 -16.82
C THR D 162 1.39 8.26 -16.63
N ASN D 163 0.78 7.58 -17.61
CA ASN D 163 0.59 6.10 -17.56
C ASN D 163 1.77 5.40 -18.26
N PHE D 164 2.78 6.14 -18.73
CA PHE D 164 3.94 5.46 -19.36
C PHE D 164 4.68 4.63 -18.30
N LYS D 165 5.17 3.46 -18.71
CA LYS D 165 5.92 2.56 -17.80
C LYS D 165 7.23 3.23 -17.34
N LYS D 166 7.59 2.99 -16.09
CA LYS D 166 8.84 3.57 -15.53
C LYS D 166 10.05 3.09 -16.36
N GLU D 167 10.05 1.81 -16.80
CA GLU D 167 11.20 1.27 -17.57
C GLU D 167 11.30 2.02 -18.91
N HIS D 168 10.17 2.48 -19.44
CA HIS D 168 10.17 3.19 -20.75
C HIS D 168 10.71 4.60 -20.57
N ILE D 169 10.28 5.25 -19.49
CA ILE D 169 10.76 6.61 -19.12
C ILE D 169 12.28 6.54 -18.89
N ASN D 170 12.76 5.47 -18.25
CA ASN D 170 14.21 5.25 -17.97
C ASN D 170 14.99 5.13 -19.29
N ILE D 171 14.40 4.49 -20.30
CA ILE D 171 15.08 4.40 -21.63
C ILE D 171 15.20 5.82 -22.19
N LEU D 172 14.12 6.60 -22.10
CA LEU D 172 14.15 7.99 -22.62
C LEU D 172 15.22 8.80 -21.87
N ARG D 173 15.24 8.73 -20.53
CA ARG D 173 16.26 9.48 -19.75
C ARG D 173 17.66 9.12 -20.27
N ASP D 174 17.93 7.84 -20.42
CA ASP D 174 19.26 7.34 -20.86
C ASP D 174 19.64 7.96 -22.21
N ILE D 175 18.75 7.93 -23.20
CA ILE D 175 19.13 8.41 -24.55
C ILE D 175 19.12 9.95 -24.60
N LYS D 177 20.39 11.86 -22.15
CA LYS D 177 21.55 12.34 -21.41
C LYS D 177 22.53 13.09 -22.32
N ILE D 178 22.98 14.27 -21.88
CA ILE D 178 23.93 15.14 -22.64
C ILE D 178 25.28 15.16 -21.91
N ASP D 179 26.37 15.15 -22.68
CA ASP D 179 27.74 15.30 -22.10
C ASP D 179 28.13 16.78 -22.23
N VAL D 180 28.20 17.51 -21.11
CA VAL D 180 28.57 18.96 -21.16
C VAL D 180 29.95 19.18 -20.56
N ASN D 181 30.81 18.16 -20.56
CA ASN D 181 32.22 18.31 -20.08
C ASN D 181 32.26 18.71 -18.60
N ASP D 182 31.22 18.39 -17.84
CA ASP D 182 31.19 18.67 -16.38
C ASP D 182 30.35 17.58 -15.74
N LYS D 183 31.00 16.62 -15.10
CA LYS D 183 30.30 15.46 -14.48
C LYS D 183 29.39 15.95 -13.34
N ASN D 184 29.50 17.21 -12.91
CA ASN D 184 28.61 17.71 -11.82
C ASN D 184 27.24 18.15 -12.37
N ILE D 185 27.16 18.35 -13.68
CA ILE D 185 25.90 18.83 -14.31
C ILE D 185 25.18 17.64 -14.96
N ASN D 186 23.97 17.34 -14.50
CA ASN D 186 23.16 16.23 -15.07
C ASN D 186 22.05 16.85 -15.92
N VAL D 187 22.32 16.96 -17.24
CA VAL D 187 21.40 17.58 -18.24
C VAL D 187 20.91 16.49 -19.19
N TYR D 188 19.63 16.58 -19.51
CA TYR D 188 18.92 15.66 -20.43
C TYR D 188 18.15 16.54 -21.41
N GLY D 189 18.20 16.24 -22.70
CA GLY D 189 17.44 17.11 -23.61
C GLY D 189 17.37 16.61 -25.02
N LYS D 190 16.65 17.36 -25.85
CA LYS D 190 16.51 17.04 -27.28
C LYS D 190 16.45 18.35 -28.05
N THR D 191 17.19 18.42 -29.15
CA THR D 191 17.17 19.60 -30.05
C THR D 191 16.05 19.46 -31.08
N GLY D 192 15.66 20.59 -31.67
CA GLY D 192 14.67 20.68 -32.73
C GLY D 192 15.08 21.78 -33.68
N THR D 193 15.12 21.49 -34.99
CA THR D 193 15.47 22.51 -36.01
C THR D 193 14.43 22.49 -37.13
N GLY D 194 13.80 23.64 -37.35
CA GLY D 194 12.81 23.79 -38.42
C GLY D 194 12.69 25.23 -38.86
N PHE D 195 12.13 25.45 -40.05
CA PHE D 195 11.92 26.84 -40.55
C PHE D 195 10.42 27.06 -40.77
N ASP D 196 9.89 28.13 -40.15
CA ASP D 196 8.47 28.53 -40.28
C ASP D 196 8.36 29.44 -41.52
N GLU D 197 7.98 28.86 -42.67
CA GLU D 197 7.88 29.60 -43.96
C GLU D 197 6.81 30.70 -43.89
N LYS D 198 5.78 30.51 -43.07
CA LYS D 198 4.66 31.49 -42.99
C LYS D 198 5.15 32.80 -42.35
N ASN D 199 6.04 32.70 -41.36
CA ASN D 199 6.57 33.90 -40.66
C ASN D 199 8.04 34.16 -41.04
N LYS D 200 8.63 33.33 -41.90
CA LYS D 200 10.06 33.51 -42.31
C LYS D 200 10.94 33.58 -41.07
N ARG D 201 10.80 32.60 -40.17
CA ARG D 201 11.56 32.56 -38.90
C ARG D 201 11.85 31.10 -38.53
N VAL D 202 13.00 30.86 -37.90
CA VAL D 202 13.36 29.47 -37.50
C VAL D 202 12.50 29.05 -36.30
N ASP D 203 12.47 27.74 -36.07
CA ASP D 203 11.88 27.07 -34.88
C ASP D 203 13.06 26.26 -34.32
N ALA D 204 13.92 26.93 -33.55
CA ALA D 204 15.14 26.33 -32.95
C ALA D 204 14.82 26.00 -31.49
N TRP D 205 14.92 24.72 -31.14
CA TRP D 205 14.53 24.26 -29.78
C TRP D 205 15.63 23.50 -29.05
N PHE D 206 15.60 23.62 -27.72
CA PHE D 206 16.34 22.69 -26.83
C PHE D 206 15.45 22.50 -25.59
N VAL D 207 14.91 21.30 -25.45
CA VAL D 207 13.94 20.99 -24.36
C VAL D 207 14.51 19.85 -23.51
N GLY D 208 14.30 19.89 -22.19
CA GLY D 208 14.83 18.78 -21.37
C GLY D 208 14.69 19.08 -19.89
N LEU D 210 17.16 19.39 -15.96
CA LEU D 210 18.39 19.47 -15.23
C LEU D 210 18.15 18.87 -13.84
N GLU D 211 18.99 17.92 -13.44
CA GLU D 211 18.93 17.34 -12.07
C GLU D 211 20.12 17.92 -11.31
N ARG D 212 19.86 18.87 -10.43
CA ARG D 212 20.92 19.60 -9.66
C ARG D 212 20.72 19.24 -8.18
N GLU D 213 21.65 18.46 -7.61
CA GLU D 213 21.52 17.98 -6.21
C GLU D 213 20.18 17.24 -6.12
N GLY D 214 19.30 17.61 -5.17
CA GLY D 214 17.99 16.94 -5.05
C GLY D 214 16.90 17.67 -5.83
N ASP D 215 17.26 18.75 -6.55
CA ASP D 215 16.29 19.57 -7.32
C ASP D 215 16.17 19.09 -8.78
N THR D 216 14.99 19.29 -9.39
CA THR D 216 14.81 19.01 -10.84
C THR D 216 14.18 20.25 -11.51
N TYR D 217 14.80 20.70 -12.60
CA TYR D 217 14.29 21.84 -13.41
C TYR D 217 13.92 21.36 -14.82
N TYR D 218 12.64 21.49 -15.21
CA TYR D 218 12.22 21.15 -16.59
C TYR D 218 12.35 22.44 -17.38
N PHE D 219 12.95 22.38 -18.57
CA PHE D 219 13.17 23.66 -19.28
C PHE D 219 12.91 23.51 -20.78
N ALA D 220 12.75 24.65 -21.43
CA ALA D 220 12.54 24.78 -22.88
C ALA D 220 13.19 26.09 -23.32
N ILE D 221 14.14 26.02 -24.24
CA ILE D 221 14.80 27.22 -24.81
C ILE D 221 14.34 27.27 -26.26
N LYS D 222 13.86 28.43 -26.72
CA LYS D 222 13.31 28.52 -28.08
C LYS D 222 13.76 29.81 -28.77
N SER D 223 14.22 29.69 -30.01
CA SER D 223 14.54 30.88 -30.84
C SER D 223 13.54 30.93 -32.01
N ASP D 224 13.26 32.15 -32.48
CA ASP D 224 12.36 32.48 -33.61
C ASP D 224 13.09 33.49 -34.49
N ASP D 225 14.42 33.50 -34.42
CA ASP D 225 15.26 34.49 -35.17
C ASP D 225 15.02 34.34 -36.67
N SER D 226 15.21 35.44 -37.42
N SER D 226 15.21 35.43 -37.42
CA SER D 226 15.05 35.42 -38.90
CA SER D 226 15.04 35.43 -38.90
C SER D 226 16.30 34.82 -39.55
C SER D 226 16.30 34.83 -39.56
N ASN D 227 17.38 34.69 -38.78
CA ASN D 227 18.65 34.12 -39.31
C ASN D 227 18.52 32.59 -39.37
N LYS D 228 18.53 32.03 -40.58
CA LYS D 228 18.42 30.57 -40.82
C LYS D 228 19.64 29.83 -40.26
N GLU D 229 20.64 30.56 -39.75
CA GLU D 229 21.83 29.89 -39.14
C GLU D 229 21.49 29.41 -37.73
N ILE D 230 20.42 29.94 -37.12
CA ILE D 230 20.05 29.59 -35.72
C ILE D 230 19.34 28.23 -35.74
N THR D 231 20.00 27.22 -35.16
CA THR D 231 19.47 25.84 -35.19
C THR D 231 19.35 25.29 -33.77
N GLY D 232 18.73 24.10 -33.63
CA GLY D 232 18.60 23.44 -32.32
C GLY D 232 19.93 23.38 -31.57
N PRO D 233 21.04 22.92 -32.20
CA PRO D 233 22.35 22.85 -31.55
C PRO D 233 22.86 24.20 -31.03
N LYS D 234 22.51 25.30 -31.71
CA LYS D 234 22.93 26.64 -31.23
C LYS D 234 22.09 27.00 -30.00
N VAL D 235 20.78 26.68 -30.03
CA VAL D 235 19.89 26.99 -28.88
C VAL D 235 20.29 26.10 -27.69
N LYS D 236 20.91 24.96 -27.98
CA LYS D 236 21.39 24.03 -26.91
C LYS D 236 22.55 24.69 -26.15
N GLU D 237 23.49 25.32 -26.88
CA GLU D 237 24.63 26.04 -26.23
C GLU D 237 24.09 27.15 -25.31
N ILE D 238 23.07 27.89 -25.78
CA ILE D 238 22.45 28.97 -24.95
C ILE D 238 21.91 28.34 -23.65
N ALA D 239 21.19 27.22 -23.78
CA ALA D 239 20.61 26.52 -22.62
C ALA D 239 21.72 26.16 -21.63
N ILE D 240 22.79 25.55 -22.13
CA ILE D 240 23.91 25.11 -21.24
C ILE D 240 24.52 26.36 -20.58
N ASN D 241 24.73 27.43 -21.35
CA ASN D 241 25.28 28.68 -20.76
C ASN D 241 24.32 29.16 -19.67
N ILE D 242 23.01 29.14 -19.92
CA ILE D 242 22.05 29.58 -18.87
C ILE D 242 22.20 28.67 -17.62
N ILE D 243 22.27 27.35 -17.83
CA ILE D 243 22.41 26.37 -16.71
C ILE D 243 23.68 26.65 -15.89
N LYS D 244 24.83 26.72 -16.55
CA LYS D 244 26.12 26.98 -15.84
C LYS D 244 26.10 28.30 -15.09
N LYS D 245 25.41 29.32 -15.61
CA LYS D 245 25.43 30.65 -14.95
C LYS D 245 24.36 30.74 -13.85
N TYR D 246 23.10 30.38 -14.13
CA TYR D 246 21.99 30.57 -13.14
C TYR D 246 21.53 29.29 -12.43
N TYR D 247 21.98 28.10 -12.83
CA TYR D 247 21.51 26.86 -12.15
C TYR D 247 22.69 25.93 -11.82
N SER D 248 23.87 26.50 -11.58
CA SER D 248 25.11 25.72 -11.28
C SER D 248 25.02 25.02 -9.91
N VAL D 249 25.88 24.01 -9.70
CA VAL D 249 25.90 23.24 -8.42
C VAL D 249 26.65 24.07 -7.36
N ARG D 250 26.28 23.91 -6.09
CA ARG D 250 26.94 24.59 -4.94
C ARG D 250 28.20 23.79 -4.58
N GLU D 251 27.98 22.48 -4.37
CA GLU D 251 28.96 21.44 -3.97
C GLU D 251 29.76 20.96 -5.19
N GLY D 252 31.10 20.93 -5.07
CA GLY D 252 31.98 20.46 -6.16
C GLY D 252 32.12 21.47 -7.29
N ALA D 253 31.79 22.75 -7.04
CA ALA D 253 31.92 23.79 -8.09
C ALA D 253 33.41 23.95 -8.46
N ALA D 254 33.65 24.30 -9.74
CA ALA D 254 35.02 24.49 -10.26
C ALA D 254 35.75 25.61 -9.52
N LEU D 255 37.06 25.44 -9.32
CA LEU D 255 37.93 26.45 -8.65
C LEU D 255 38.59 27.32 -9.74
#